data_3WGO
#
_entry.id   3WGO
#
_cell.length_a   47.130
_cell.length_b   135.619
_cell.length_c   60.670
_cell.angle_alpha   90.00
_cell.angle_beta   110.46
_cell.angle_gamma   90.00
#
_symmetry.space_group_name_H-M   'P 1 21 1'
#
loop_
_entity.id
_entity.type
_entity.pdbx_description
1 polymer 'Meso-diaminopimelate dehydrogenase'
2 water water
#
_entity_poly.entity_id   1
_entity_poly.type   'polypeptide(L)'
_entity_poly.pdbx_seq_one_letter_code
;MNSKIRIGIVGYGNIGKGVEKAIKQNDDMELEAIFTRRDINKVDSNNSKLVHISRLELYKDTVDVMILCGGSATDLVEQG
PMIASQFNTVDSFDNHGRIPQHFERMDEISKKAGNISLISTGWDPGLFSLNRLLGESILPKGKTHTFWGKGVSLGHSDAI
RRVQGVKNGIQYIIPIKGALDKARSGEQCDFTTREKHEMVCYVVPEENADLKKIEQDIKTMPDYFADYNTTVHFITEEEL
KLNHAGLSNGGFVIRSGNTQGGAKQVMEFNLNLESSAEFTSSVLVAYSRAIYKLSKEGKKGAVTVLDIPFSYLSPKTPEE
LRKELL
;
_entity_poly.pdbx_strand_id   A,B
#
# COMPACT_ATOMS: atom_id res chain seq x y z
N LYS A 4 10.61 8.06 24.35
CA LYS A 4 12.03 8.50 24.21
C LYS A 4 12.26 9.45 23.03
N ILE A 5 11.56 9.22 21.92
CA ILE A 5 11.71 10.11 20.77
C ILE A 5 11.04 11.44 21.14
N ARG A 6 11.83 12.50 21.17
CA ARG A 6 11.33 13.83 21.51
C ARG A 6 10.81 14.56 20.28
N ILE A 7 9.51 14.82 20.26
CA ILE A 7 8.84 15.48 19.14
C ILE A 7 8.48 16.94 19.42
N GLY A 8 8.75 17.78 18.44
CA GLY A 8 8.41 19.18 18.55
C GLY A 8 7.33 19.43 17.51
N ILE A 9 6.24 20.07 17.90
CA ILE A 9 5.16 20.34 16.97
C ILE A 9 5.21 21.80 16.55
N VAL A 10 5.26 22.03 15.23
CA VAL A 10 5.32 23.38 14.70
C VAL A 10 3.99 23.73 14.06
N GLY A 11 3.20 24.58 14.72
CA GLY A 11 1.91 24.96 14.19
C GLY A 11 0.84 24.25 15.00
N TYR A 12 -0.23 24.96 15.35
CA TYR A 12 -1.27 24.34 16.15
C TYR A 12 -2.67 24.44 15.58
N GLY A 13 -2.80 24.18 14.29
CA GLY A 13 -4.10 24.19 13.63
C GLY A 13 -4.64 22.76 13.78
N ASN A 14 -5.53 22.34 12.90
CA ASN A 14 -6.10 20.99 12.98
C ASN A 14 -5.06 19.88 13.00
N ILE A 15 -4.09 19.95 12.09
CA ILE A 15 -3.06 18.92 12.01
C ILE A 15 -2.23 18.88 13.30
N GLY A 16 -1.76 20.03 13.74
CA GLY A 16 -0.98 20.11 14.97
C GLY A 16 -1.72 19.50 16.14
N LYS A 17 -2.99 19.87 16.29
CA LYS A 17 -3.80 19.32 17.37
C LYS A 17 -3.84 17.80 17.20
N GLY A 18 -4.05 17.37 15.96
CA GLY A 18 -4.11 15.94 15.69
C GLY A 18 -2.80 15.24 16.03
N VAL A 19 -1.69 15.90 15.77
CA VAL A 19 -0.39 15.31 16.09
C VAL A 19 -0.24 15.17 17.59
N GLU A 20 -0.65 16.20 18.33
CA GLU A 20 -0.55 16.16 19.79
C GLU A 20 -1.29 14.95 20.32
N LYS A 21 -2.45 14.67 19.76
CA LYS A 21 -3.24 13.54 20.19
C LYS A 21 -2.64 12.22 19.73
N ALA A 22 -2.16 12.20 18.49
CA ALA A 22 -1.56 10.98 17.94
C ALA A 22 -0.34 10.56 18.75
N ILE A 23 0.44 11.53 19.20
CA ILE A 23 1.65 11.22 19.98
C ILE A 23 1.29 10.41 21.21
N LYS A 24 0.11 10.69 21.77
CA LYS A 24 -0.34 9.98 22.95
C LYS A 24 -0.61 8.49 22.67
N GLN A 25 -0.85 8.15 21.40
CA GLN A 25 -1.11 6.75 21.04
C GLN A 25 0.21 6.02 20.75
N ASN A 26 1.32 6.71 20.95
CA ASN A 26 2.64 6.13 20.70
C ASN A 26 3.52 6.23 21.95
N ASP A 27 3.65 5.12 22.67
CA ASP A 27 4.43 5.05 23.90
C ASP A 27 5.91 5.41 23.78
N ASP A 28 6.50 5.13 22.62
CA ASP A 28 7.92 5.43 22.43
C ASP A 28 8.18 6.89 22.09
N MET A 29 7.17 7.74 22.25
CA MET A 29 7.33 9.16 21.94
C MET A 29 6.86 10.14 23.00
N GLU A 30 7.48 11.31 22.99
CA GLU A 30 7.17 12.36 23.95
C GLU A 30 7.08 13.72 23.28
N LEU A 31 6.09 14.50 23.68
CA LEU A 31 5.90 15.84 23.13
C LEU A 31 6.71 16.85 23.94
N GLU A 32 7.70 17.47 23.31
CA GLU A 32 8.54 18.46 23.97
C GLU A 32 7.91 19.84 24.06
N ALA A 33 7.28 20.26 22.97
CA ALA A 33 6.67 21.57 22.93
C ALA A 33 5.87 21.75 21.65
N ILE A 34 4.94 22.69 21.69
CA ILE A 34 4.13 23.01 20.52
C ILE A 34 4.47 24.46 20.23
N PHE A 35 5.00 24.73 19.04
CA PHE A 35 5.41 26.07 18.65
C PHE A 35 4.35 26.81 17.85
N THR A 36 3.88 27.95 18.38
CA THR A 36 2.84 28.75 17.74
C THR A 36 3.35 30.12 17.32
N ARG A 37 2.77 30.66 16.25
CA ARG A 37 3.12 31.98 15.77
C ARG A 37 2.19 33.03 16.40
N ARG A 38 1.29 32.58 17.28
CA ARG A 38 0.38 33.49 17.97
C ARG A 38 1.27 34.38 18.85
N ASP A 39 1.00 35.69 18.87
CA ASP A 39 1.81 36.61 19.66
C ASP A 39 1.85 36.26 21.14
N ILE A 40 2.82 36.83 21.84
CA ILE A 40 2.97 36.61 23.28
C ILE A 40 1.63 36.91 23.94
N ASN A 41 0.74 37.53 23.18
CA ASN A 41 -0.59 37.88 23.66
C ASN A 41 -1.36 36.60 24.00
N LYS A 42 -1.29 36.22 25.27
CA LYS A 42 -1.95 35.04 25.78
C LYS A 42 -1.98 35.10 27.31
N VAL A 43 -2.53 34.07 27.94
CA VAL A 43 -2.60 34.01 29.40
C VAL A 43 -1.33 33.28 29.87
N ASP A 44 -0.19 33.95 29.70
CA ASP A 44 1.12 33.40 30.06
C ASP A 44 1.54 32.40 28.99
N SER A 45 0.56 31.63 28.52
CA SER A 45 0.73 30.60 27.50
C SER A 45 -0.49 29.71 27.58
N ASN A 46 -1.41 30.09 28.45
CA ASN A 46 -2.63 29.31 28.67
C ASN A 46 -2.21 27.94 29.16
N ASN A 47 -1.05 27.89 29.81
CA ASN A 47 -0.48 26.65 30.33
C ASN A 47 -0.09 25.77 29.15
N SER A 48 -0.67 24.57 29.07
CA SER A 48 -0.40 23.65 27.98
C SER A 48 1.07 23.54 27.57
N LYS A 49 1.29 22.98 26.39
CA LYS A 49 2.64 22.79 25.86
C LYS A 49 3.00 23.86 24.84
N LEU A 50 2.16 24.88 24.72
CA LEU A 50 2.38 25.97 23.78
C LEU A 50 3.56 26.87 24.11
N VAL A 51 4.40 27.09 23.12
CA VAL A 51 5.59 27.94 23.26
C VAL A 51 5.70 28.79 22.00
N HIS A 52 6.10 30.05 22.16
CA HIS A 52 6.22 30.95 21.02
C HIS A 52 7.31 30.52 20.03
N ILE A 53 7.00 30.69 18.75
CA ILE A 53 7.90 30.31 17.67
C ILE A 53 9.30 30.90 17.79
N SER A 54 9.42 32.02 18.50
CA SER A 54 10.70 32.68 18.66
C SER A 54 11.67 31.88 19.53
N ARG A 55 11.14 30.97 20.32
CA ARG A 55 11.95 30.15 21.20
C ARG A 55 12.41 28.83 20.58
N LEU A 56 11.98 28.58 19.35
CA LEU A 56 12.33 27.35 18.64
C LEU A 56 13.81 27.02 18.80
N GLU A 57 14.65 28.00 18.53
CA GLU A 57 16.10 27.86 18.61
C GLU A 57 16.57 27.28 19.94
N LEU A 58 15.93 27.68 21.03
CA LEU A 58 16.31 27.22 22.36
C LEU A 58 16.18 25.72 22.58
N TYR A 59 15.41 25.06 21.73
CA TYR A 59 15.21 23.63 21.88
C TYR A 59 16.24 22.78 21.14
N LYS A 60 17.33 23.40 20.73
CA LYS A 60 18.38 22.68 20.02
C LYS A 60 18.91 21.62 20.98
N ASP A 61 18.94 20.37 20.51
CA ASP A 61 19.41 19.25 21.29
C ASP A 61 18.45 18.74 22.35
N THR A 62 17.15 19.02 22.17
CA THR A 62 16.13 18.54 23.10
C THR A 62 14.95 18.06 22.26
N VAL A 63 15.06 18.24 20.95
CA VAL A 63 14.04 17.81 20.00
C VAL A 63 14.65 16.93 18.92
N ASP A 64 14.13 15.72 18.77
CA ASP A 64 14.64 14.80 17.78
C ASP A 64 14.03 15.01 16.40
N VAL A 65 12.73 15.31 16.37
CA VAL A 65 12.06 15.56 15.09
C VAL A 65 11.04 16.68 15.22
N MET A 66 11.12 17.64 14.31
CA MET A 66 10.17 18.76 14.29
C MET A 66 9.12 18.41 13.26
N ILE A 67 7.87 18.23 13.69
CA ILE A 67 6.81 17.93 12.75
C ILE A 67 6.15 19.25 12.37
N LEU A 68 6.30 19.63 11.10
CA LEU A 68 5.74 20.90 10.61
C LEU A 68 4.29 20.67 10.26
N CYS A 69 3.39 21.20 11.08
CA CYS A 69 1.97 21.00 10.87
C CYS A 69 1.22 22.12 10.19
N GLY A 70 1.94 23.08 9.62
CA GLY A 70 1.28 24.17 8.93
C GLY A 70 0.50 23.58 7.77
N GLY A 71 -0.56 24.28 7.36
CA GLY A 71 -1.35 23.78 6.25
C GLY A 71 -0.87 24.37 4.94
N SER A 72 -0.46 25.64 4.99
CA SER A 72 0.02 26.36 3.82
C SER A 72 1.32 25.84 3.23
N ALA A 73 1.27 25.45 1.96
CA ALA A 73 2.46 24.96 1.28
C ALA A 73 3.35 26.16 0.95
N THR A 74 2.73 27.30 0.69
CA THR A 74 3.47 28.52 0.37
C THR A 74 4.34 28.92 1.55
N ASP A 75 3.78 28.83 2.76
CA ASP A 75 4.52 29.18 3.97
C ASP A 75 5.70 28.22 4.16
N LEU A 76 5.46 26.94 3.90
CA LEU A 76 6.50 25.91 4.03
C LEU A 76 7.71 26.21 3.16
N VAL A 77 7.47 26.85 2.01
CA VAL A 77 8.54 27.18 1.10
C VAL A 77 9.70 27.82 1.85
N GLU A 78 9.38 28.75 2.74
CA GLU A 78 10.41 29.44 3.51
C GLU A 78 10.61 28.88 4.92
N GLN A 79 9.52 28.53 5.58
CA GLN A 79 9.61 28.01 6.94
C GLN A 79 10.34 26.67 6.99
N GLY A 80 10.04 25.81 6.03
CA GLY A 80 10.69 24.51 5.99
C GLY A 80 12.20 24.62 6.05
N PRO A 81 12.83 25.30 5.08
CA PRO A 81 14.29 25.44 5.09
C PRO A 81 14.83 26.01 6.40
N MET A 82 14.14 27.02 6.92
CA MET A 82 14.57 27.66 8.17
C MET A 82 14.65 26.63 9.29
N ILE A 83 13.62 25.79 9.41
CA ILE A 83 13.61 24.78 10.47
C ILE A 83 14.61 23.66 10.18
N ALA A 84 14.63 23.20 8.94
CA ALA A 84 15.54 22.12 8.53
C ALA A 84 17.00 22.44 8.83
N SER A 85 17.33 23.72 8.91
CA SER A 85 18.70 24.14 9.19
C SER A 85 19.05 23.95 10.65
N GLN A 86 18.05 23.58 11.46
CA GLN A 86 18.27 23.40 12.89
C GLN A 86 17.83 22.04 13.42
N PHE A 87 16.84 21.44 12.77
CA PHE A 87 16.33 20.16 13.23
C PHE A 87 15.93 19.23 12.09
N ASN A 88 15.81 17.95 12.42
CA ASN A 88 15.34 16.95 11.47
C ASN A 88 13.87 17.38 11.31
N THR A 89 13.32 17.23 10.11
CA THR A 89 11.94 17.65 9.92
C THR A 89 11.08 16.66 9.14
N VAL A 90 9.77 16.80 9.33
CA VAL A 90 8.77 16.00 8.64
C VAL A 90 7.66 16.98 8.28
N ASP A 91 7.28 17.03 7.01
CA ASP A 91 6.19 17.91 6.59
C ASP A 91 5.24 17.20 5.65
N SER A 92 4.14 17.86 5.34
CA SER A 92 3.16 17.31 4.43
C SER A 92 2.95 18.25 3.25
N PHE A 93 4.01 18.94 2.84
CA PHE A 93 3.95 19.87 1.71
C PHE A 93 3.07 19.21 0.65
N ASP A 94 1.90 19.78 0.41
CA ASP A 94 0.95 19.18 -0.53
C ASP A 94 0.80 19.75 -1.94
N ASN A 95 1.69 20.62 -2.36
CA ASN A 95 1.59 21.16 -3.71
C ASN A 95 2.42 20.26 -4.61
N HIS A 96 1.75 19.31 -5.27
CA HIS A 96 2.41 18.34 -6.13
C HIS A 96 3.33 18.99 -7.16
N GLY A 97 2.80 19.95 -7.91
CA GLY A 97 3.61 20.61 -8.91
C GLY A 97 4.88 21.24 -8.38
N ARG A 98 4.85 21.72 -7.13
CA ARG A 98 6.03 22.36 -6.56
C ARG A 98 6.91 21.47 -5.69
N ILE A 99 6.53 20.19 -5.58
CA ILE A 99 7.29 19.24 -4.78
C ILE A 99 8.77 19.17 -5.14
N PRO A 100 9.08 19.01 -6.43
CA PRO A 100 10.50 18.94 -6.81
C PRO A 100 11.34 20.15 -6.38
N GLN A 101 10.73 21.33 -6.34
CA GLN A 101 11.45 22.52 -5.90
C GLN A 101 11.65 22.47 -4.40
N HIS A 102 10.60 22.04 -3.68
CA HIS A 102 10.66 21.94 -2.22
C HIS A 102 11.73 20.90 -1.84
N PHE A 103 11.74 19.78 -2.54
CA PHE A 103 12.71 18.73 -2.26
C PHE A 103 14.14 19.26 -2.40
N GLU A 104 14.40 19.95 -3.51
CA GLU A 104 15.74 20.50 -3.76
C GLU A 104 16.18 21.41 -2.62
N ARG A 105 15.36 22.41 -2.32
CA ARG A 105 15.65 23.36 -1.26
C ARG A 105 15.87 22.68 0.10
N MET A 106 14.91 21.83 0.50
CA MET A 106 15.04 21.14 1.77
C MET A 106 16.27 20.25 1.78
N ASP A 107 16.55 19.62 0.64
CA ASP A 107 17.70 18.74 0.55
C ASP A 107 19.00 19.50 0.82
N GLU A 108 19.17 20.62 0.15
CA GLU A 108 20.38 21.42 0.31
C GLU A 108 20.60 21.79 1.77
N ILE A 109 19.55 22.35 2.38
CA ILE A 109 19.61 22.78 3.77
C ILE A 109 19.87 21.67 4.78
N SER A 110 19.09 20.60 4.71
CA SER A 110 19.29 19.51 5.65
C SER A 110 20.69 18.97 5.54
N LYS A 111 21.17 18.77 4.31
CA LYS A 111 22.52 18.24 4.10
C LYS A 111 23.57 19.12 4.74
N LYS A 112 23.48 20.43 4.51
CA LYS A 112 24.44 21.36 5.06
C LYS A 112 24.46 21.30 6.60
N ALA A 113 23.27 21.25 7.19
CA ALA A 113 23.12 21.22 8.65
C ALA A 113 23.32 19.83 9.24
N GLY A 114 23.44 18.83 8.37
CA GLY A 114 23.64 17.47 8.83
C GLY A 114 22.38 16.83 9.41
N ASN A 115 21.23 17.28 8.95
CA ASN A 115 19.96 16.74 9.43
C ASN A 115 19.25 15.99 8.30
N ILE A 116 18.07 15.47 8.59
CA ILE A 116 17.29 14.76 7.59
C ILE A 116 15.88 15.36 7.53
N SER A 117 15.40 15.61 6.32
CA SER A 117 14.07 16.19 6.15
C SER A 117 13.19 15.35 5.26
N LEU A 118 12.09 14.86 5.81
CA LEU A 118 11.14 14.08 5.04
C LEU A 118 10.08 15.06 4.58
N ILE A 119 9.87 15.15 3.28
CA ILE A 119 8.86 16.07 2.75
C ILE A 119 7.65 15.35 2.15
N SER A 120 6.55 16.09 2.06
CA SER A 120 5.31 15.62 1.45
C SER A 120 4.76 14.24 1.85
N THR A 121 4.65 13.97 3.14
CA THR A 121 4.06 12.70 3.56
C THR A 121 2.62 13.08 3.92
N GLY A 122 1.80 12.09 4.26
CA GLY A 122 0.41 12.33 4.57
C GLY A 122 -0.34 11.28 3.78
N TRP A 123 -1.59 11.52 3.40
CA TRP A 123 -2.25 10.50 2.60
C TRP A 123 -2.09 10.74 1.10
N ASP A 124 -2.00 12.01 0.68
CA ASP A 124 -1.73 12.33 -0.73
C ASP A 124 -1.32 13.80 -0.80
N PRO A 125 -0.01 14.07 -0.96
CA PRO A 125 1.09 13.10 -1.10
C PRO A 125 1.28 12.19 0.14
N GLY A 126 1.95 11.05 -0.07
CA GLY A 126 2.20 10.12 1.01
C GLY A 126 1.72 8.70 0.69
N LEU A 127 0.71 8.25 1.42
CA LEU A 127 0.18 6.90 1.22
C LEU A 127 -0.30 6.63 -0.20
N PHE A 128 -1.07 7.55 -0.78
CA PHE A 128 -1.53 7.33 -2.14
C PHE A 128 -0.35 7.29 -3.11
N SER A 129 0.67 8.10 -2.85
CA SER A 129 1.85 8.15 -3.72
C SER A 129 2.53 6.78 -3.75
N LEU A 130 2.72 6.23 -2.56
CA LEU A 130 3.33 4.92 -2.43
C LEU A 130 2.56 3.86 -3.25
N ASN A 131 1.24 3.89 -3.17
CA ASN A 131 0.45 2.91 -3.89
C ASN A 131 0.40 3.11 -5.41
N ARG A 132 0.51 4.37 -5.88
CA ARG A 132 0.54 4.58 -7.32
C ARG A 132 1.81 3.92 -7.81
N LEU A 133 2.88 4.13 -7.06
CA LEU A 133 4.18 3.56 -7.39
C LEU A 133 4.10 2.04 -7.36
N LEU A 134 3.59 1.49 -6.26
CA LEU A 134 3.47 0.04 -6.13
C LEU A 134 2.69 -0.51 -7.31
N GLY A 135 1.51 0.06 -7.57
CA GLY A 135 0.70 -0.42 -8.68
C GLY A 135 1.43 -0.42 -10.00
N GLU A 136 2.16 0.67 -10.25
CA GLU A 136 2.93 0.87 -11.47
C GLU A 136 4.08 -0.12 -11.65
N SER A 137 4.71 -0.48 -10.53
CA SER A 137 5.84 -1.39 -10.53
C SER A 137 5.44 -2.86 -10.66
N ILE A 138 4.39 -3.25 -9.96
CA ILE A 138 3.93 -4.62 -9.99
C ILE A 138 3.18 -4.96 -11.27
N LEU A 139 2.47 -3.98 -11.83
CA LEU A 139 1.72 -4.17 -13.06
C LEU A 139 2.12 -3.04 -14.01
N PRO A 140 3.30 -3.16 -14.62
CA PRO A 140 3.81 -2.16 -15.56
C PRO A 140 2.90 -1.91 -16.75
N LYS A 141 2.09 -2.91 -17.08
CA LYS A 141 1.15 -2.78 -18.20
C LYS A 141 -0.24 -2.56 -17.64
N GLY A 142 -0.61 -1.30 -17.50
CA GLY A 142 -1.94 -1.01 -16.97
C GLY A 142 -2.18 0.47 -16.83
N LYS A 143 -3.24 0.80 -16.09
CA LYS A 143 -3.64 2.17 -15.87
C LYS A 143 -3.87 2.43 -14.38
N THR A 144 -3.45 3.60 -13.91
CA THR A 144 -3.63 3.99 -12.52
C THR A 144 -4.67 5.08 -12.41
N HIS A 145 -5.58 4.95 -11.46
CA HIS A 145 -6.62 5.95 -11.26
C HIS A 145 -6.68 6.37 -9.79
N THR A 146 -6.56 7.66 -9.53
CA THR A 146 -6.65 8.15 -8.16
C THR A 146 -7.95 8.93 -8.02
N PHE A 147 -8.69 8.64 -6.96
CA PHE A 147 -9.93 9.35 -6.69
C PHE A 147 -9.83 9.87 -5.27
N TRP A 148 -10.44 11.03 -5.02
CA TRP A 148 -10.43 11.59 -3.68
C TRP A 148 -11.89 11.58 -3.23
N GLY A 149 -12.18 10.66 -2.32
CA GLY A 149 -13.52 10.46 -1.78
C GLY A 149 -14.16 11.76 -1.39
N LYS A 150 -15.41 11.72 -0.94
CA LYS A 150 -16.09 12.95 -0.58
C LYS A 150 -15.43 13.63 0.61
N GLY A 151 -14.91 14.83 0.35
CA GLY A 151 -14.23 15.61 1.36
C GLY A 151 -13.88 16.97 0.78
N VAL A 152 -13.24 17.83 1.57
CA VAL A 152 -12.86 19.16 1.12
C VAL A 152 -11.64 19.14 0.19
N SER A 153 -11.31 20.30 -0.36
CA SER A 153 -10.15 20.44 -1.24
C SER A 153 -9.28 21.57 -0.72
N LEU A 154 -9.76 22.26 0.31
CA LEU A 154 -9.05 23.36 0.95
C LEU A 154 -8.69 24.49 -0.02
N GLY A 155 -7.80 24.20 -0.97
CA GLY A 155 -7.40 25.18 -1.94
C GLY A 155 -8.59 25.74 -2.69
N HIS A 156 -9.51 24.84 -3.06
CA HIS A 156 -10.72 25.23 -3.78
C HIS A 156 -11.67 26.01 -2.88
N SER A 157 -11.50 25.85 -1.57
CA SER A 157 -12.32 26.56 -0.61
C SER A 157 -11.87 28.02 -0.59
N ASP A 158 -10.56 28.23 -0.59
CA ASP A 158 -10.00 29.58 -0.60
C ASP A 158 -10.17 30.17 -1.98
N ALA A 159 -10.10 29.31 -3.00
CA ALA A 159 -10.25 29.74 -4.38
C ALA A 159 -11.59 30.40 -4.58
N ILE A 160 -12.66 29.76 -4.10
CA ILE A 160 -13.98 30.33 -4.24
C ILE A 160 -14.10 31.60 -3.40
N ARG A 161 -13.21 31.74 -2.42
CA ARG A 161 -13.22 32.93 -1.56
C ARG A 161 -12.71 34.17 -2.28
N ARG A 162 -11.86 33.96 -3.29
CA ARG A 162 -11.31 35.08 -4.04
C ARG A 162 -12.32 35.62 -5.06
N VAL A 163 -13.49 35.00 -5.11
CA VAL A 163 -14.55 35.42 -6.02
C VAL A 163 -15.29 36.60 -5.39
N GLN A 164 -15.58 37.62 -6.18
CA GLN A 164 -16.30 38.78 -5.68
C GLN A 164 -17.75 38.44 -5.38
N GLY A 165 -18.20 38.83 -4.19
CA GLY A 165 -19.57 38.55 -3.79
C GLY A 165 -19.63 37.51 -2.69
N VAL A 166 -18.66 36.59 -2.69
CA VAL A 166 -18.61 35.53 -1.68
C VAL A 166 -17.84 36.01 -0.45
N LYS A 167 -18.44 35.82 0.72
CA LYS A 167 -17.81 36.23 1.96
C LYS A 167 -17.19 35.05 2.70
N ASN A 168 -17.74 33.86 2.46
CA ASN A 168 -17.26 32.64 3.10
C ASN A 168 -17.92 31.44 2.45
N GLY A 169 -17.22 30.30 2.42
CA GLY A 169 -17.80 29.11 1.81
C GLY A 169 -16.97 27.85 1.92
N ILE A 170 -17.42 26.80 1.24
CA ILE A 170 -16.72 25.52 1.25
C ILE A 170 -17.09 24.70 0.03
N GLN A 171 -16.15 23.90 -0.45
CA GLN A 171 -16.40 23.06 -1.61
C GLN A 171 -16.05 21.61 -1.28
N TYR A 172 -16.72 20.69 -1.95
CA TYR A 172 -16.50 19.26 -1.76
C TYR A 172 -16.16 18.61 -3.10
N ILE A 173 -15.27 17.63 -3.09
CA ILE A 173 -14.96 16.92 -4.31
C ILE A 173 -15.57 15.55 -4.04
N ILE A 174 -16.28 15.00 -5.02
CA ILE A 174 -16.95 13.72 -4.85
C ILE A 174 -16.72 12.78 -6.02
N PRO A 175 -16.15 11.59 -5.76
CA PRO A 175 -15.90 10.62 -6.82
C PRO A 175 -17.22 10.18 -7.45
N ILE A 176 -17.17 9.81 -8.73
CA ILE A 176 -18.37 9.37 -9.42
C ILE A 176 -18.38 7.85 -9.46
N LYS A 177 -19.37 7.27 -8.78
CA LYS A 177 -19.55 5.83 -8.69
C LYS A 177 -19.25 5.09 -9.98
N GLY A 178 -19.84 5.58 -11.06
CA GLY A 178 -19.64 4.95 -12.36
C GLY A 178 -18.18 4.80 -12.75
N ALA A 179 -17.40 5.84 -12.54
CA ALA A 179 -15.98 5.81 -12.89
C ALA A 179 -15.24 4.84 -11.97
N LEU A 180 -15.63 4.83 -10.70
CA LEU A 180 -15.01 3.97 -9.71
C LEU A 180 -15.21 2.49 -10.06
N ASP A 181 -16.45 2.12 -10.35
CA ASP A 181 -16.76 0.74 -10.71
C ASP A 181 -16.01 0.33 -11.97
N LYS A 182 -15.96 1.24 -12.95
CA LYS A 182 -15.26 0.96 -14.20
C LYS A 182 -13.79 0.66 -13.91
N ALA A 183 -13.17 1.51 -13.10
CA ALA A 183 -11.76 1.32 -12.75
C ALA A 183 -11.56 -0.04 -12.09
N ARG A 184 -12.45 -0.41 -11.17
CA ARG A 184 -12.37 -1.68 -10.47
C ARG A 184 -12.64 -2.88 -11.35
N SER A 185 -13.43 -2.69 -12.39
CA SER A 185 -13.78 -3.78 -13.31
C SER A 185 -12.54 -4.41 -13.91
N GLY A 186 -11.49 -3.62 -14.06
CA GLY A 186 -10.27 -4.13 -14.64
C GLY A 186 -10.32 -3.98 -16.14
N GLU A 187 -11.30 -3.22 -16.62
CA GLU A 187 -11.47 -2.99 -18.05
C GLU A 187 -10.42 -2.06 -18.64
N GLN A 188 -9.82 -1.24 -17.78
CA GLN A 188 -8.79 -0.30 -18.20
C GLN A 188 -9.35 0.69 -19.23
N CYS A 189 -9.06 1.96 -19.04
CA CYS A 189 -9.56 3.00 -19.93
C CYS A 189 -9.23 4.38 -19.37
N ASP A 190 -9.13 5.37 -20.25
CA ASP A 190 -8.84 6.72 -19.82
C ASP A 190 -10.12 7.42 -19.39
N PHE A 191 -9.99 8.39 -18.49
CA PHE A 191 -11.13 9.14 -18.00
C PHE A 191 -10.86 10.63 -18.14
N THR A 192 -11.90 11.41 -18.33
CA THR A 192 -11.74 12.85 -18.39
C THR A 192 -11.90 13.27 -16.94
N THR A 193 -11.42 14.46 -16.59
CA THR A 193 -11.53 14.94 -15.23
C THR A 193 -13.00 14.96 -14.81
N ARG A 194 -13.87 15.29 -15.77
CA ARG A 194 -15.31 15.36 -15.54
C ARG A 194 -15.97 14.01 -15.29
N GLU A 195 -15.39 12.94 -15.83
CA GLU A 195 -15.95 11.60 -15.64
C GLU A 195 -15.59 11.00 -14.28
N LYS A 196 -14.59 11.56 -13.61
CA LYS A 196 -14.13 11.02 -12.32
C LYS A 196 -14.72 11.66 -11.07
N HIS A 197 -14.72 12.98 -11.04
CA HIS A 197 -15.22 13.72 -9.88
C HIS A 197 -16.20 14.82 -10.24
N GLU A 198 -17.08 15.13 -9.30
CA GLU A 198 -18.01 16.23 -9.47
C GLU A 198 -17.71 17.13 -8.28
N MET A 199 -18.10 18.39 -8.37
CA MET A 199 -17.83 19.35 -7.30
C MET A 199 -19.15 19.95 -6.80
N VAL A 200 -19.25 20.15 -5.49
CA VAL A 200 -20.43 20.73 -4.89
C VAL A 200 -20.00 21.86 -3.96
N CYS A 201 -20.52 23.05 -4.20
CA CYS A 201 -20.16 24.20 -3.37
C CYS A 201 -21.29 24.72 -2.49
N TYR A 202 -20.90 25.26 -1.34
CA TYR A 202 -21.84 25.86 -0.40
C TYR A 202 -21.23 27.21 -0.09
N VAL A 203 -21.90 28.26 -0.55
CA VAL A 203 -21.42 29.62 -0.38
C VAL A 203 -22.31 30.54 0.45
N VAL A 204 -21.66 31.37 1.27
CA VAL A 204 -22.34 32.36 2.10
C VAL A 204 -21.98 33.69 1.42
N PRO A 205 -22.79 34.10 0.43
CA PRO A 205 -22.63 35.32 -0.37
C PRO A 205 -22.86 36.67 0.29
N GLU A 206 -23.26 37.62 -0.55
CA GLU A 206 -23.56 38.99 -0.17
C GLU A 206 -22.39 39.92 0.09
N GLU A 207 -22.44 41.06 -0.62
CA GLU A 207 -21.46 42.13 -0.54
C GLU A 207 -22.30 43.37 -0.27
N ASN A 208 -23.53 43.30 -0.77
CA ASN A 208 -24.56 44.34 -0.66
C ASN A 208 -25.81 43.55 -1.05
N ALA A 209 -25.70 42.23 -0.88
CA ALA A 209 -26.72 41.25 -1.25
C ALA A 209 -26.30 40.88 -2.66
N ASP A 210 -25.04 41.19 -2.95
CA ASP A 210 -24.37 40.98 -4.24
C ASP A 210 -24.99 39.97 -5.19
N LEU A 211 -24.79 40.23 -6.48
CA LEU A 211 -25.31 39.39 -7.55
C LEU A 211 -24.96 37.91 -7.29
N LYS A 212 -25.98 37.11 -7.03
CA LYS A 212 -25.79 35.69 -6.77
C LYS A 212 -25.51 34.92 -8.05
N LYS A 213 -26.05 35.39 -9.17
CA LYS A 213 -25.84 34.72 -10.45
C LYS A 213 -24.40 34.87 -10.92
N ILE A 214 -23.81 36.04 -10.71
CA ILE A 214 -22.44 36.26 -11.14
C ILE A 214 -21.51 35.39 -10.32
N GLU A 215 -21.95 35.02 -9.12
CA GLU A 215 -21.17 34.18 -8.22
C GLU A 215 -20.74 32.89 -8.93
N GLN A 216 -21.30 32.67 -10.11
CA GLN A 216 -20.97 31.48 -10.89
C GLN A 216 -19.58 31.64 -11.49
N ASP A 217 -18.77 32.54 -10.92
CA ASP A 217 -17.41 32.73 -11.40
C ASP A 217 -16.75 31.39 -11.07
N ILE A 218 -17.34 30.72 -10.08
CA ILE A 218 -16.88 29.42 -9.60
C ILE A 218 -16.93 28.39 -10.73
N LYS A 219 -18.12 28.13 -11.24
CA LYS A 219 -18.28 27.15 -12.31
C LYS A 219 -17.33 27.36 -13.47
N THR A 220 -17.15 28.61 -13.89
CA THR A 220 -16.26 28.92 -15.01
C THR A 220 -14.81 29.07 -14.58
N MET A 221 -14.56 29.02 -13.29
CA MET A 221 -13.22 29.17 -12.77
C MET A 221 -12.26 28.11 -13.32
N PRO A 222 -11.24 28.55 -14.09
CA PRO A 222 -10.24 27.64 -14.68
C PRO A 222 -9.48 26.85 -13.62
N ASP A 223 -9.16 25.60 -13.93
CA ASP A 223 -8.43 24.72 -13.01
C ASP A 223 -9.33 24.14 -11.93
N TYR A 224 -9.59 24.94 -10.90
CA TYR A 224 -10.41 24.54 -9.77
C TYR A 224 -11.74 23.91 -10.20
N PHE A 225 -12.52 24.64 -10.98
CA PHE A 225 -13.79 24.14 -11.47
C PHE A 225 -13.80 24.25 -12.99
N ALA A 226 -14.97 24.16 -13.61
CA ALA A 226 -15.09 24.24 -15.07
C ALA A 226 -14.82 22.89 -15.72
N ASP A 227 -13.80 22.20 -15.23
CA ASP A 227 -13.47 20.88 -15.76
C ASP A 227 -14.37 19.83 -15.12
N TYR A 228 -15.09 20.23 -14.08
CA TYR A 228 -15.99 19.33 -13.36
C TYR A 228 -17.42 19.86 -13.36
N ASN A 229 -18.39 18.95 -13.35
CA ASN A 229 -19.78 19.37 -13.27
C ASN A 229 -19.86 19.90 -11.84
N THR A 230 -19.97 21.22 -11.71
CA THR A 230 -20.00 21.87 -10.40
C THR A 230 -21.35 22.46 -9.98
N THR A 231 -21.89 21.94 -8.87
CA THR A 231 -23.16 22.44 -8.34
C THR A 231 -22.87 23.47 -7.27
N VAL A 232 -23.74 24.48 -7.16
CA VAL A 232 -23.54 25.52 -6.16
C VAL A 232 -24.79 25.75 -5.32
N HIS A 233 -24.59 25.82 -4.00
CA HIS A 233 -25.68 26.04 -3.07
C HIS A 233 -25.37 27.22 -2.16
N PHE A 234 -26.34 28.13 -2.00
CA PHE A 234 -26.15 29.28 -1.15
C PHE A 234 -26.80 28.99 0.19
N ILE A 235 -26.06 29.26 1.26
CA ILE A 235 -26.57 29.01 2.61
C ILE A 235 -26.11 30.14 3.50
N THR A 236 -26.53 30.12 4.76
CA THR A 236 -26.16 31.16 5.70
C THR A 236 -24.91 30.78 6.49
N GLU A 237 -24.21 31.81 6.98
CA GLU A 237 -23.01 31.62 7.78
C GLU A 237 -23.31 30.66 8.93
N GLU A 238 -24.58 30.59 9.31
CA GLU A 238 -25.02 29.72 10.40
C GLU A 238 -25.00 28.25 9.96
N GLU A 239 -25.63 27.99 8.82
CA GLU A 239 -25.71 26.64 8.25
C GLU A 239 -24.32 26.05 8.00
N LEU A 240 -23.40 26.90 7.60
CA LEU A 240 -22.04 26.48 7.30
C LEU A 240 -21.34 25.97 8.55
N LYS A 241 -21.29 26.81 9.58
CA LYS A 241 -20.64 26.46 10.83
C LYS A 241 -21.21 25.20 11.51
N LEU A 242 -22.50 24.97 11.35
CA LEU A 242 -23.11 23.82 11.99
C LEU A 242 -23.27 22.58 11.11
N ASN A 243 -23.43 22.79 9.81
CA ASN A 243 -23.61 21.64 8.91
C ASN A 243 -22.44 21.33 7.97
N HIS A 244 -21.39 22.14 8.00
CA HIS A 244 -20.27 21.90 7.11
C HIS A 244 -18.90 21.84 7.77
N ALA A 245 -18.75 20.92 8.71
CA ALA A 245 -17.46 20.73 9.37
C ALA A 245 -16.82 19.68 8.49
N GLY A 246 -16.30 20.11 7.35
CA GLY A 246 -15.69 19.20 6.41
C GLY A 246 -14.46 18.50 6.95
N LEU A 247 -14.64 17.68 7.98
CA LEU A 247 -13.53 16.96 8.57
C LEU A 247 -13.28 15.60 7.92
N SER A 248 -14.34 14.94 7.47
CA SER A 248 -14.19 13.63 6.84
C SER A 248 -13.68 13.72 5.41
N ASN A 249 -13.03 12.65 4.96
CA ASN A 249 -12.49 12.58 3.62
C ASN A 249 -12.00 11.16 3.32
N GLY A 250 -11.33 10.99 2.18
CA GLY A 250 -10.83 9.69 1.81
C GLY A 250 -10.52 9.63 0.34
N GLY A 251 -10.25 8.44 -0.17
CA GLY A 251 -9.92 8.35 -1.59
C GLY A 251 -9.62 6.92 -2.01
N PHE A 252 -9.29 6.76 -3.28
CA PHE A 252 -8.98 5.47 -3.85
C PHE A 252 -7.85 5.56 -4.85
N VAL A 253 -6.97 4.56 -4.85
CA VAL A 253 -5.89 4.48 -5.81
C VAL A 253 -6.07 3.10 -6.43
N ILE A 254 -6.48 3.07 -7.68
CA ILE A 254 -6.70 1.80 -8.35
C ILE A 254 -5.73 1.58 -9.51
N ARG A 255 -5.17 0.37 -9.56
CA ARG A 255 -4.27 0.01 -10.65
C ARG A 255 -4.92 -1.17 -11.36
N SER A 256 -5.34 -0.93 -12.60
CA SER A 256 -5.95 -1.96 -13.41
C SER A 256 -4.94 -2.29 -14.47
N GLY A 257 -4.55 -3.56 -14.54
CA GLY A 257 -3.57 -3.95 -15.53
C GLY A 257 -3.82 -5.34 -16.08
N ASN A 258 -2.91 -5.78 -16.93
CA ASN A 258 -3.00 -7.10 -17.54
C ASN A 258 -1.61 -7.69 -17.59
N THR A 259 -1.50 -8.96 -17.23
CA THR A 259 -0.22 -9.65 -17.27
C THR A 259 -0.21 -10.29 -18.65
N GLN A 260 0.97 -10.69 -19.14
CA GLN A 260 1.05 -11.32 -20.45
C GLN A 260 -0.06 -12.36 -20.64
N GLY A 261 -0.94 -12.11 -21.59
CA GLY A 261 -2.04 -13.04 -21.84
C GLY A 261 -3.41 -12.43 -21.72
N GLY A 262 -3.49 -11.23 -21.17
CA GLY A 262 -4.78 -10.57 -21.04
C GLY A 262 -5.52 -10.81 -19.73
N ALA A 263 -4.88 -11.51 -18.79
CA ALA A 263 -5.51 -11.79 -17.51
C ALA A 263 -5.70 -10.48 -16.73
N LYS A 264 -6.94 -10.20 -16.34
CA LYS A 264 -7.29 -9.01 -15.58
C LYS A 264 -6.74 -9.02 -14.15
N GLN A 265 -5.93 -8.04 -13.82
CA GLN A 265 -5.34 -7.96 -12.47
C GLN A 265 -5.64 -6.58 -11.88
N VAL A 266 -6.37 -6.54 -10.78
CA VAL A 266 -6.71 -5.26 -10.17
C VAL A 266 -6.22 -5.09 -8.73
N MET A 267 -5.53 -3.97 -8.50
CA MET A 267 -4.97 -3.62 -7.19
C MET A 267 -5.67 -2.36 -6.68
N GLU A 268 -6.15 -2.38 -5.45
CA GLU A 268 -6.79 -1.18 -4.90
C GLU A 268 -6.40 -0.85 -3.48
N PHE A 269 -6.13 0.44 -3.24
CA PHE A 269 -5.81 0.94 -1.90
C PHE A 269 -6.80 2.06 -1.69
N ASN A 270 -7.45 2.10 -0.53
CA ASN A 270 -8.37 3.20 -0.27
C ASN A 270 -8.46 3.59 1.19
N LEU A 271 -8.96 4.79 1.43
CA LEU A 271 -9.11 5.34 2.77
C LEU A 271 -10.50 5.93 2.99
N ASN A 272 -11.02 5.71 4.19
CA ASN A 272 -12.33 6.25 4.58
C ASN A 272 -12.01 6.85 5.95
N LEU A 273 -11.93 8.18 6.01
CA LEU A 273 -11.56 8.85 7.25
C LEU A 273 -12.60 9.81 7.81
N GLU A 274 -13.04 9.57 9.04
CA GLU A 274 -14.00 10.46 9.69
C GLU A 274 -13.28 11.77 9.97
N SER A 275 -11.98 11.68 10.22
CA SER A 275 -11.19 12.88 10.49
C SER A 275 -9.91 12.87 9.67
N SER A 276 -9.98 13.47 8.49
CA SER A 276 -8.84 13.53 7.60
C SER A 276 -7.62 14.14 8.25
N ALA A 277 -7.81 15.27 8.94
CA ALA A 277 -6.70 15.95 9.60
C ALA A 277 -6.00 15.04 10.60
N GLU A 278 -6.77 14.38 11.47
CA GLU A 278 -6.18 13.51 12.46
C GLU A 278 -5.47 12.31 11.85
N PHE A 279 -5.95 11.84 10.70
CA PHE A 279 -5.30 10.72 10.03
C PHE A 279 -3.94 11.20 9.52
N THR A 280 -3.95 12.37 8.87
CA THR A 280 -2.72 12.94 8.36
C THR A 280 -1.75 13.05 9.53
N SER A 281 -2.27 13.45 10.69
CA SER A 281 -1.44 13.58 11.89
C SER A 281 -0.83 12.24 12.30
N SER A 282 -1.61 11.16 12.22
CA SER A 282 -1.10 9.85 12.57
C SER A 282 0.02 9.46 11.60
N VAL A 283 -0.17 9.76 10.32
CA VAL A 283 0.83 9.45 9.31
C VAL A 283 2.13 10.20 9.62
N LEU A 284 2.03 11.48 9.96
CA LEU A 284 3.21 12.30 10.28
C LEU A 284 3.97 11.70 11.47
N VAL A 285 3.23 11.27 12.48
CA VAL A 285 3.85 10.71 13.66
C VAL A 285 4.55 9.39 13.35
N ALA A 286 3.89 8.51 12.60
CA ALA A 286 4.51 7.24 12.27
C ALA A 286 5.79 7.49 11.49
N TYR A 287 5.74 8.41 10.54
CA TYR A 287 6.93 8.71 9.74
C TYR A 287 8.03 9.40 10.53
N SER A 288 7.66 10.08 11.61
CA SER A 288 8.66 10.75 12.44
C SER A 288 9.54 9.70 13.08
N ARG A 289 8.94 8.56 13.42
CA ARG A 289 9.69 7.45 14.01
C ARG A 289 10.74 6.96 13.01
N ALA A 290 10.35 6.85 11.76
CA ALA A 290 11.27 6.38 10.72
C ALA A 290 12.42 7.37 10.51
N ILE A 291 12.10 8.66 10.54
CA ILE A 291 13.09 9.71 10.37
C ILE A 291 14.07 9.67 11.53
N TYR A 292 13.55 9.44 12.73
CA TYR A 292 14.39 9.34 13.91
C TYR A 292 15.42 8.25 13.67
N LYS A 293 14.94 7.05 13.35
CA LYS A 293 15.82 5.91 13.11
C LYS A 293 16.85 6.21 12.03
N LEU A 294 16.41 6.78 10.92
CA LEU A 294 17.34 7.09 9.84
C LEU A 294 18.38 8.10 10.28
N SER A 295 17.96 9.07 11.07
CA SER A 295 18.84 10.12 11.57
C SER A 295 19.99 9.47 12.34
N LYS A 296 19.64 8.57 13.26
CA LYS A 296 20.63 7.90 14.06
C LYS A 296 21.59 7.09 13.17
N GLU A 297 21.10 6.68 12.00
CA GLU A 297 21.92 5.89 11.09
C GLU A 297 22.87 6.76 10.27
N GLY A 298 22.78 8.07 10.46
CA GLY A 298 23.66 8.97 9.74
C GLY A 298 23.12 9.44 8.40
N LYS A 299 21.89 9.07 8.09
CA LYS A 299 21.30 9.49 6.82
C LYS A 299 21.09 11.00 6.91
N LYS A 300 21.32 11.70 5.81
CA LYS A 300 21.16 13.14 5.79
C LYS A 300 20.56 13.60 4.46
N GLY A 301 19.93 14.77 4.47
CA GLY A 301 19.31 15.28 3.26
C GLY A 301 17.81 15.04 3.27
N ALA A 302 17.18 15.33 2.14
CA ALA A 302 15.73 15.15 1.99
C ALA A 302 15.33 13.78 1.47
N VAL A 303 14.21 13.28 1.99
CA VAL A 303 13.66 11.99 1.58
C VAL A 303 12.14 12.12 1.45
N THR A 304 11.53 11.17 0.75
CA THR A 304 10.08 11.15 0.59
C THR A 304 9.65 9.75 1.02
N VAL A 305 8.35 9.53 1.15
CA VAL A 305 7.86 8.22 1.55
C VAL A 305 8.37 7.11 0.63
N LEU A 306 8.71 7.47 -0.60
CA LEU A 306 9.20 6.47 -1.55
C LEU A 306 10.53 5.86 -1.16
N ASP A 307 11.32 6.58 -0.36
CA ASP A 307 12.64 6.12 0.06
C ASP A 307 12.64 5.35 1.38
N ILE A 308 11.50 5.29 2.05
CA ILE A 308 11.43 4.66 3.36
C ILE A 308 10.80 3.27 3.46
N PRO A 309 11.57 2.27 3.94
CA PRO A 309 11.07 0.90 4.09
C PRO A 309 9.98 0.92 5.16
N PHE A 310 8.91 0.14 4.97
CA PHE A 310 7.81 0.15 5.93
C PHE A 310 8.21 -0.26 7.34
N SER A 311 9.23 -1.11 7.46
CA SER A 311 9.67 -1.55 8.77
C SER A 311 10.09 -0.37 9.65
N TYR A 312 10.54 0.72 9.04
CA TYR A 312 10.95 1.89 9.80
C TYR A 312 9.81 2.63 10.49
N LEU A 313 8.57 2.38 10.07
CA LEU A 313 7.41 3.03 10.68
C LEU A 313 6.97 2.33 11.96
N SER A 314 7.50 1.15 12.23
CA SER A 314 7.09 0.39 13.41
C SER A 314 8.11 0.36 14.55
N PRO A 315 7.63 0.38 15.81
CA PRO A 315 8.52 0.34 16.98
C PRO A 315 8.96 -1.09 17.33
N LYS A 316 8.34 -2.07 16.68
CA LYS A 316 8.68 -3.47 16.92
C LYS A 316 10.02 -3.80 16.28
N THR A 317 10.62 -4.92 16.67
CA THR A 317 11.90 -5.35 16.12
C THR A 317 11.68 -6.05 14.79
N PRO A 318 12.73 -6.12 13.94
CA PRO A 318 12.61 -6.78 12.66
C PRO A 318 12.19 -8.25 12.81
N GLU A 319 12.44 -8.80 14.00
CA GLU A 319 12.11 -10.19 14.27
C GLU A 319 10.63 -10.33 14.60
N GLU A 320 10.13 -9.42 15.43
CA GLU A 320 8.73 -9.46 15.81
C GLU A 320 7.85 -9.30 14.57
N LEU A 321 8.24 -8.39 13.69
CA LEU A 321 7.48 -8.15 12.46
C LEU A 321 7.42 -9.37 11.56
N ARG A 322 8.56 -10.02 11.33
CA ARG A 322 8.58 -11.20 10.47
C ARG A 322 7.72 -12.31 11.03
N LYS A 323 7.76 -12.47 12.34
CA LYS A 323 6.99 -13.51 13.01
C LYS A 323 5.51 -13.21 13.03
N GLU A 324 5.16 -11.94 13.22
CA GLU A 324 3.77 -11.55 13.31
C GLU A 324 3.04 -11.17 12.02
N LEU A 325 3.67 -10.34 11.18
CA LEU A 325 3.02 -9.85 9.97
C LEU A 325 3.43 -10.37 8.61
N LEU A 326 4.61 -10.97 8.50
CA LEU A 326 5.06 -11.44 7.20
C LEU A 326 4.21 -12.61 6.71
N SER B 3 22.88 -2.94 -20.69
CA SER B 3 23.21 -3.21 -19.27
C SER B 3 21.96 -3.70 -18.52
N LYS B 4 21.16 -4.49 -19.21
CA LYS B 4 19.92 -5.02 -18.64
C LYS B 4 20.14 -6.01 -17.50
N ILE B 5 19.16 -6.09 -16.60
CA ILE B 5 19.24 -7.00 -15.46
C ILE B 5 19.03 -8.43 -15.93
N ARG B 6 20.05 -9.26 -15.74
CA ARG B 6 20.00 -10.65 -16.18
C ARG B 6 19.29 -11.57 -15.19
N ILE B 7 18.12 -12.05 -15.59
CA ILE B 7 17.31 -12.91 -14.72
C ILE B 7 17.47 -14.41 -14.95
N GLY B 8 17.32 -15.16 -13.87
CA GLY B 8 17.42 -16.60 -13.94
C GLY B 8 16.21 -17.19 -13.24
N ILE B 9 15.57 -18.16 -13.90
CA ILE B 9 14.40 -18.80 -13.32
C ILE B 9 14.68 -20.26 -12.97
N VAL B 10 14.29 -20.67 -11.77
CA VAL B 10 14.46 -22.05 -11.32
C VAL B 10 13.06 -22.64 -11.15
N GLY B 11 12.75 -23.64 -11.95
CA GLY B 11 11.43 -24.26 -11.88
C GLY B 11 10.60 -23.74 -13.03
N TYR B 12 10.04 -24.62 -13.84
CA TYR B 12 9.26 -24.16 -14.97
C TYR B 12 7.79 -24.52 -14.86
N GLY B 13 7.24 -24.37 -13.66
CA GLY B 13 5.84 -24.63 -13.42
C GLY B 13 5.06 -23.37 -13.75
N ASN B 14 3.85 -23.23 -13.20
CA ASN B 14 3.03 -22.05 -13.47
C ASN B 14 3.66 -20.72 -13.12
N ILE B 15 4.33 -20.65 -11.98
CA ILE B 15 4.97 -19.40 -11.58
C ILE B 15 6.19 -19.12 -12.45
N GLY B 16 6.99 -20.15 -12.72
CA GLY B 16 8.16 -19.98 -13.55
C GLY B 16 7.74 -19.47 -14.92
N LYS B 17 6.70 -20.08 -15.48
CA LYS B 17 6.17 -19.67 -16.77
C LYS B 17 5.64 -18.24 -16.67
N GLY B 18 5.02 -17.93 -15.55
CA GLY B 18 4.49 -16.59 -15.35
C GLY B 18 5.62 -15.58 -15.27
N VAL B 19 6.72 -15.99 -14.63
CA VAL B 19 7.87 -15.11 -14.49
C VAL B 19 8.45 -14.80 -15.87
N GLU B 20 8.57 -15.82 -16.71
CA GLU B 20 9.09 -15.64 -18.06
C GLU B 20 8.22 -14.61 -18.78
N LYS B 21 6.91 -14.72 -18.61
CA LYS B 21 5.97 -13.80 -19.24
C LYS B 21 6.19 -12.37 -18.74
N ALA B 22 6.18 -12.22 -17.43
CA ALA B 22 6.37 -10.91 -16.81
C ALA B 22 7.66 -10.23 -17.27
N ILE B 23 8.74 -11.00 -17.40
CA ILE B 23 10.00 -10.42 -17.81
C ILE B 23 9.85 -9.69 -19.14
N LYS B 24 8.91 -10.16 -19.97
CA LYS B 24 8.68 -9.53 -21.27
C LYS B 24 8.09 -8.12 -21.12
N GLN B 25 7.42 -7.86 -20.00
CA GLN B 25 6.82 -6.55 -19.74
C GLN B 25 7.81 -5.60 -19.09
N ASN B 26 9.05 -6.04 -18.91
CA ASN B 26 10.07 -5.22 -18.28
C ASN B 26 11.29 -5.05 -19.17
N ASP B 27 11.28 -3.96 -19.95
CA ASP B 27 12.35 -3.65 -20.90
C ASP B 27 13.75 -3.63 -20.33
N ASP B 28 13.89 -3.33 -19.04
CA ASP B 28 15.22 -3.27 -18.43
C ASP B 28 15.73 -4.65 -17.99
N MET B 29 14.96 -5.69 -18.29
CA MET B 29 15.32 -7.05 -17.93
C MET B 29 15.47 -8.02 -19.09
N GLU B 30 16.24 -9.08 -18.86
CA GLU B 30 16.51 -10.10 -19.87
C GLU B 30 16.57 -11.47 -19.20
N LEU B 31 15.89 -12.45 -19.78
CA LEU B 31 15.91 -13.81 -19.26
C LEU B 31 17.15 -14.51 -19.77
N GLU B 32 18.01 -14.95 -18.85
CA GLU B 32 19.24 -15.63 -19.22
C GLU B 32 19.02 -17.13 -19.41
N ALA B 33 18.28 -17.73 -18.49
CA ALA B 33 18.02 -19.16 -18.58
C ALA B 33 16.93 -19.60 -17.63
N ILE B 34 16.35 -20.76 -17.96
CA ILE B 34 15.30 -21.38 -17.16
C ILE B 34 15.83 -22.76 -16.79
N PHE B 35 16.06 -22.96 -15.50
CA PHE B 35 16.60 -24.22 -15.00
C PHE B 35 15.53 -25.22 -14.55
N THR B 36 15.49 -26.37 -15.22
CA THR B 36 14.52 -27.41 -14.92
C THR B 36 15.18 -28.75 -14.61
N ARG B 37 14.43 -29.64 -13.96
CA ARG B 37 14.93 -30.97 -13.64
C ARG B 37 14.57 -31.93 -14.78
N ARG B 38 13.62 -31.52 -15.60
CA ARG B 38 13.17 -32.33 -16.73
C ARG B 38 14.25 -32.57 -17.78
N ASP B 39 14.11 -33.65 -18.53
CA ASP B 39 15.06 -33.98 -19.59
C ASP B 39 14.85 -33.01 -20.73
N ILE B 40 15.78 -32.08 -20.89
CA ILE B 40 15.67 -31.09 -21.94
C ILE B 40 15.59 -31.74 -23.33
N ASN B 41 16.30 -32.84 -23.51
CA ASN B 41 16.29 -33.53 -24.80
C ASN B 41 14.89 -33.98 -25.20
N LYS B 42 14.04 -34.22 -24.22
CA LYS B 42 12.67 -34.66 -24.47
C LYS B 42 11.73 -33.48 -24.68
N VAL B 43 12.07 -32.34 -24.09
CA VAL B 43 11.24 -31.15 -24.23
C VAL B 43 11.67 -30.26 -25.40
N ASP B 44 11.30 -30.68 -26.61
CA ASP B 44 11.62 -29.92 -27.81
C ASP B 44 13.13 -29.74 -27.96
N SER B 45 13.55 -28.49 -28.16
CA SER B 45 14.96 -28.15 -28.32
C SER B 45 15.08 -26.67 -28.70
N ASN B 46 13.99 -26.11 -29.20
CA ASN B 46 13.96 -24.70 -29.61
C ASN B 46 13.57 -23.77 -28.48
N ASN B 47 13.32 -24.34 -27.31
CA ASN B 47 12.96 -23.57 -26.12
C ASN B 47 14.29 -23.06 -25.57
N SER B 48 15.08 -22.47 -26.47
CA SER B 48 16.41 -21.93 -26.21
C SER B 48 16.84 -21.65 -24.77
N LYS B 49 15.96 -21.09 -23.96
CA LYS B 49 16.30 -20.74 -22.58
C LYS B 49 16.40 -21.90 -21.58
N LEU B 50 15.77 -23.04 -21.88
CA LEU B 50 15.82 -24.18 -20.98
C LEU B 50 17.23 -24.69 -20.73
N VAL B 51 17.56 -24.95 -19.47
CA VAL B 51 18.87 -25.46 -19.08
C VAL B 51 18.68 -26.43 -17.93
N HIS B 52 19.27 -27.61 -18.05
CA HIS B 52 19.11 -28.61 -16.99
C HIS B 52 19.71 -28.11 -15.68
N ILE B 53 18.97 -28.32 -14.60
CA ILE B 53 19.36 -27.90 -13.26
C ILE B 53 20.79 -28.29 -12.84
N SER B 54 21.29 -29.40 -13.36
CA SER B 54 22.64 -29.85 -13.01
C SER B 54 23.72 -28.86 -13.41
N ARG B 55 23.41 -27.99 -14.36
CA ARG B 55 24.36 -26.99 -14.86
C ARG B 55 24.16 -25.59 -14.28
N LEU B 56 23.44 -25.50 -13.18
CA LEU B 56 23.18 -24.21 -12.53
C LEU B 56 24.46 -23.42 -12.24
N GLU B 57 25.41 -24.07 -11.56
CA GLU B 57 26.67 -23.42 -11.19
C GLU B 57 27.50 -22.82 -12.32
N LEU B 58 27.26 -23.25 -13.55
CA LEU B 58 28.00 -22.73 -14.69
C LEU B 58 27.50 -21.33 -15.04
N TYR B 59 26.42 -20.92 -14.39
CA TYR B 59 25.84 -19.61 -14.64
C TYR B 59 26.07 -18.62 -13.52
N LYS B 60 26.86 -19.02 -12.53
CA LYS B 60 27.20 -18.20 -11.38
C LYS B 60 27.70 -16.80 -11.75
N ASP B 61 28.18 -16.64 -12.98
CA ASP B 61 28.70 -15.35 -13.41
C ASP B 61 27.88 -14.66 -14.48
N THR B 62 26.75 -15.25 -14.85
CA THR B 62 25.91 -14.64 -15.89
C THR B 62 24.48 -14.33 -15.45
N VAL B 63 24.17 -14.61 -14.19
CA VAL B 63 22.85 -14.33 -13.65
C VAL B 63 22.95 -13.36 -12.49
N ASP B 64 22.22 -12.24 -12.57
CA ASP B 64 22.23 -11.24 -11.51
C ASP B 64 21.25 -11.61 -10.40
N VAL B 65 20.07 -12.07 -10.79
CA VAL B 65 19.08 -12.46 -9.81
C VAL B 65 18.39 -13.75 -10.25
N MET B 66 18.35 -14.71 -9.34
CA MET B 66 17.73 -16.00 -9.58
C MET B 66 16.36 -16.02 -8.89
N ILE B 67 15.29 -16.11 -9.66
CA ILE B 67 13.94 -16.15 -9.09
C ILE B 67 13.55 -17.62 -8.90
N LEU B 68 13.36 -18.02 -7.65
CA LEU B 68 13.00 -19.39 -7.33
C LEU B 68 11.50 -19.67 -7.47
N CYS B 69 11.16 -20.45 -8.48
CA CYS B 69 9.77 -20.77 -8.75
C CYS B 69 9.53 -22.26 -8.52
N GLY B 70 10.09 -22.77 -7.43
CA GLY B 70 9.98 -24.17 -7.06
C GLY B 70 8.83 -24.96 -7.66
N GLY B 71 9.19 -25.92 -8.52
CA GLY B 71 8.19 -26.75 -9.16
C GLY B 71 7.53 -27.74 -8.22
N SER B 72 6.86 -27.21 -7.20
CA SER B 72 6.15 -28.00 -6.19
C SER B 72 6.95 -29.17 -5.58
N ALA B 73 8.13 -29.44 -6.11
CA ALA B 73 8.96 -30.52 -5.58
C ALA B 73 9.45 -30.09 -4.20
N THR B 74 9.89 -31.05 -3.39
CA THR B 74 10.36 -30.73 -2.05
C THR B 74 11.37 -29.58 -2.08
N ASP B 75 12.09 -29.45 -3.18
CA ASP B 75 13.09 -28.40 -3.34
C ASP B 75 12.47 -27.00 -3.27
N LEU B 76 11.14 -26.92 -3.35
CA LEU B 76 10.44 -25.64 -3.31
C LEU B 76 10.43 -25.12 -1.87
N VAL B 77 11.16 -25.80 -1.01
CA VAL B 77 11.22 -25.41 0.39
C VAL B 77 12.59 -25.80 0.97
N GLU B 78 13.38 -26.51 0.16
CA GLU B 78 14.71 -26.94 0.59
C GLU B 78 15.88 -26.43 -0.23
N GLN B 79 15.71 -26.32 -1.54
CA GLN B 79 16.80 -25.84 -2.38
C GLN B 79 17.02 -24.34 -2.42
N GLY B 80 16.31 -23.61 -1.57
CA GLY B 80 16.50 -22.17 -1.52
C GLY B 80 17.92 -21.95 -1.06
N PRO B 81 18.30 -22.56 0.07
CA PRO B 81 19.65 -22.44 0.64
C PRO B 81 20.74 -22.83 -0.37
N MET B 82 20.40 -23.73 -1.29
CA MET B 82 21.35 -24.17 -2.29
C MET B 82 21.71 -23.04 -3.25
N ILE B 83 20.71 -22.44 -3.88
CA ILE B 83 20.93 -21.35 -4.82
C ILE B 83 21.59 -20.14 -4.17
N ALA B 84 21.15 -19.79 -2.97
CA ALA B 84 21.69 -18.62 -2.27
C ALA B 84 23.21 -18.65 -2.15
N SER B 85 23.79 -19.86 -2.13
CA SER B 85 25.22 -20.02 -2.02
C SER B 85 25.96 -19.56 -3.26
N GLN B 86 25.24 -19.45 -4.37
CA GLN B 86 25.88 -19.06 -5.62
C GLN B 86 25.30 -17.82 -6.27
N PHE B 87 24.06 -17.47 -5.93
CA PHE B 87 23.43 -16.30 -6.54
C PHE B 87 22.64 -15.49 -5.53
N ASN B 88 22.18 -14.33 -5.98
CA ASN B 88 21.32 -13.47 -5.16
C ASN B 88 19.98 -14.09 -5.51
N THR B 89 19.08 -14.24 -4.55
CA THR B 89 17.82 -14.88 -4.88
C THR B 89 16.57 -14.15 -4.46
N VAL B 90 15.46 -14.61 -5.02
CA VAL B 90 14.13 -14.08 -4.71
C VAL B 90 13.21 -15.28 -4.68
N ASP B 91 12.47 -15.43 -3.59
CA ASP B 91 11.52 -16.52 -3.48
C ASP B 91 10.21 -16.06 -2.84
N SER B 92 9.20 -16.93 -2.91
CA SER B 92 7.90 -16.62 -2.35
C SER B 92 7.53 -17.63 -1.27
N PHE B 93 8.51 -18.02 -0.45
CA PHE B 93 8.27 -18.98 0.63
C PHE B 93 7.00 -18.52 1.33
N ASP B 94 5.93 -19.31 1.22
CA ASP B 94 4.66 -18.91 1.82
C ASP B 94 4.21 -19.57 3.12
N ASN B 95 5.10 -20.28 3.80
CA ASN B 95 4.70 -20.90 5.07
C ASN B 95 5.00 -19.92 6.19
N HIS B 96 4.00 -19.11 6.53
CA HIS B 96 4.14 -18.08 7.57
C HIS B 96 4.77 -18.56 8.89
N GLY B 97 4.30 -19.68 9.41
CA GLY B 97 4.84 -20.19 10.66
C GLY B 97 6.31 -20.58 10.57
N ARG B 98 6.76 -20.90 9.37
CA ARG B 98 8.13 -21.31 9.16
C ARG B 98 9.02 -20.19 8.62
N ILE B 99 8.46 -19.00 8.45
CA ILE B 99 9.24 -17.88 7.92
C ILE B 99 10.48 -17.53 8.74
N PRO B 100 10.35 -17.44 10.07
CA PRO B 100 11.52 -17.10 10.90
C PRO B 100 12.71 -18.03 10.65
N GLN B 101 12.43 -19.33 10.61
CA GLN B 101 13.46 -20.35 10.38
C GLN B 101 14.10 -20.14 9.01
N HIS B 102 13.25 -19.97 8.00
CA HIS B 102 13.71 -19.77 6.63
C HIS B 102 14.59 -18.53 6.54
N PHE B 103 14.20 -17.48 7.26
CA PHE B 103 14.96 -16.24 7.24
C PHE B 103 16.38 -16.48 7.75
N GLU B 104 16.48 -17.11 8.91
CA GLU B 104 17.79 -17.39 9.49
C GLU B 104 18.66 -18.23 8.58
N ARG B 105 18.10 -19.29 8.03
CA ARG B 105 18.85 -20.16 7.14
C ARG B 105 19.36 -19.41 5.92
N MET B 106 18.47 -18.65 5.29
CA MET B 106 18.87 -17.90 4.11
C MET B 106 19.85 -16.78 4.43
N ASP B 107 19.68 -16.15 5.58
CA ASP B 107 20.54 -15.05 6.01
C ASP B 107 22.00 -15.51 6.15
N GLU B 108 22.20 -16.59 6.89
CA GLU B 108 23.55 -17.12 7.11
C GLU B 108 24.24 -17.53 5.81
N ILE B 109 23.51 -18.23 4.95
CA ILE B 109 24.08 -18.68 3.69
C ILE B 109 24.39 -17.54 2.73
N SER B 110 23.47 -16.58 2.63
CA SER B 110 23.68 -15.45 1.74
C SER B 110 24.82 -14.54 2.21
N LYS B 111 24.95 -14.37 3.52
CA LYS B 111 26.02 -13.53 4.05
C LYS B 111 27.35 -14.22 3.77
N LYS B 112 27.40 -15.51 4.06
CA LYS B 112 28.60 -16.31 3.85
C LYS B 112 29.14 -16.20 2.41
N ALA B 113 28.24 -16.22 1.44
CA ALA B 113 28.64 -16.14 0.04
C ALA B 113 28.67 -14.70 -0.49
N GLY B 114 28.41 -13.74 0.38
CA GLY B 114 28.41 -12.35 -0.06
C GLY B 114 27.29 -12.06 -1.04
N ASN B 115 26.13 -12.65 -0.77
CA ASN B 115 24.94 -12.47 -1.62
C ASN B 115 23.76 -11.95 -0.82
N ILE B 116 22.70 -11.57 -1.51
CA ILE B 116 21.49 -11.08 -0.87
C ILE B 116 20.32 -11.95 -1.32
N SER B 117 19.49 -12.36 -0.36
CA SER B 117 18.34 -13.20 -0.66
C SER B 117 17.07 -12.57 -0.14
N LEU B 118 16.07 -12.43 -1.01
CA LEU B 118 14.78 -11.88 -0.62
C LEU B 118 13.85 -13.07 -0.43
N ILE B 119 13.30 -13.22 0.76
CA ILE B 119 12.39 -14.32 1.03
C ILE B 119 10.96 -13.84 1.19
N SER B 120 10.03 -14.74 0.90
CA SER B 120 8.61 -14.47 1.07
C SER B 120 7.99 -13.25 0.38
N THR B 121 8.26 -13.03 -0.90
CA THR B 121 7.61 -11.92 -1.58
C THR B 121 6.43 -12.56 -2.34
N GLY B 122 5.53 -11.73 -2.85
CA GLY B 122 4.35 -12.24 -3.56
C GLY B 122 3.20 -11.40 -3.04
N TRP B 123 1.96 -11.88 -3.06
CA TRP B 123 0.88 -11.04 -2.53
C TRP B 123 0.60 -11.36 -1.07
N ASP B 124 0.81 -12.62 -0.67
CA ASP B 124 0.67 -13.01 0.74
C ASP B 124 1.34 -14.36 0.95
N PRO B 125 2.56 -14.36 1.52
CA PRO B 125 3.30 -13.17 1.97
C PRO B 125 3.69 -12.20 0.85
N GLY B 126 3.96 -10.96 1.24
CA GLY B 126 4.36 -9.94 0.27
C GLY B 126 3.56 -8.66 0.44
N LEU B 127 2.77 -8.34 -0.59
CA LEU B 127 1.98 -7.13 -0.58
C LEU B 127 1.00 -7.02 0.60
N PHE B 128 0.37 -8.12 0.97
CA PHE B 128 -0.56 -8.06 2.11
C PHE B 128 0.24 -7.81 3.39
N SER B 129 1.42 -8.41 3.48
CA SER B 129 2.29 -8.24 4.64
C SER B 129 2.61 -6.76 4.82
N LEU B 130 2.97 -6.10 3.71
CA LEU B 130 3.32 -4.68 3.75
C LEU B 130 2.16 -3.85 4.27
N ASN B 131 0.96 -4.15 3.79
CA ASN B 131 -0.19 -3.39 4.19
C ASN B 131 -0.65 -3.67 5.61
N ARG B 132 -0.44 -4.88 6.12
CA ARG B 132 -0.78 -5.14 7.52
C ARG B 132 0.16 -4.24 8.33
N LEU B 133 1.43 -4.23 7.95
CA LEU B 133 2.41 -3.41 8.68
C LEU B 133 2.05 -1.92 8.62
N LEU B 134 1.75 -1.43 7.42
CA LEU B 134 1.38 -0.03 7.24
C LEU B 134 0.20 0.34 8.11
N GLY B 135 -0.84 -0.50 8.09
CA GLY B 135 -2.03 -0.23 8.88
C GLY B 135 -1.82 -0.10 10.38
N GLU B 136 -1.07 -1.03 10.97
CA GLU B 136 -0.86 -0.95 12.41
C GLU B 136 0.19 0.09 12.77
N SER B 137 0.98 0.52 11.80
CA SER B 137 1.98 1.54 12.06
C SER B 137 1.33 2.92 12.00
N ILE B 138 0.50 3.14 10.98
CA ILE B 138 -0.19 4.42 10.83
C ILE B 138 -1.28 4.58 11.90
N LEU B 139 -2.02 3.51 12.16
CA LEU B 139 -3.10 3.51 13.15
C LEU B 139 -2.81 2.48 14.24
N PRO B 140 -1.92 2.82 15.18
CA PRO B 140 -1.55 1.92 16.28
C PRO B 140 -2.72 1.38 17.10
N LYS B 141 -3.77 2.19 17.25
CA LYS B 141 -4.93 1.73 18.01
C LYS B 141 -6.01 1.33 17.01
N GLY B 142 -6.30 0.03 16.96
CA GLY B 142 -7.30 -0.45 16.03
C GLY B 142 -7.09 -1.92 15.77
N LYS B 143 -7.84 -2.47 14.81
CA LYS B 143 -7.73 -3.87 14.49
C LYS B 143 -7.42 -4.09 13.01
N THR B 144 -6.70 -5.17 12.73
CA THR B 144 -6.35 -5.52 11.37
C THR B 144 -7.10 -6.78 10.96
N HIS B 145 -7.67 -6.77 9.75
CA HIS B 145 -8.40 -7.93 9.26
C HIS B 145 -7.97 -8.30 7.86
N THR B 146 -7.48 -9.53 7.70
CA THR B 146 -7.07 -10.02 6.40
C THR B 146 -8.04 -11.11 5.94
N PHE B 147 -8.58 -10.95 4.74
CA PHE B 147 -9.50 -11.92 4.14
C PHE B 147 -8.84 -12.38 2.86
N TRP B 148 -9.18 -13.55 2.34
CA TRP B 148 -8.57 -14.03 1.12
C TRP B 148 -9.44 -14.18 -0.16
N GLY B 149 -10.00 -13.04 -0.59
CA GLY B 149 -10.83 -12.92 -1.81
C GLY B 149 -11.82 -13.96 -2.29
N LYS B 150 -11.31 -14.98 -2.94
CA LYS B 150 -12.09 -16.11 -3.46
C LYS B 150 -11.10 -16.87 -4.31
N GLY B 151 -10.68 -18.01 -3.80
CA GLY B 151 -9.72 -18.84 -4.49
C GLY B 151 -9.80 -20.24 -3.95
N VAL B 152 -9.12 -21.15 -4.62
CA VAL B 152 -9.11 -22.54 -4.24
C VAL B 152 -8.08 -22.90 -3.17
N SER B 153 -8.43 -23.88 -2.36
CA SER B 153 -7.57 -24.41 -1.31
C SER B 153 -7.39 -25.84 -1.81
N LEU B 154 -6.29 -26.08 -2.52
CA LEU B 154 -6.03 -27.41 -3.07
C LEU B 154 -6.24 -28.51 -2.04
N GLY B 155 -5.85 -28.23 -0.79
CA GLY B 155 -6.02 -29.20 0.26
C GLY B 155 -7.48 -29.62 0.35
N HIS B 156 -8.35 -28.63 0.49
CA HIS B 156 -9.78 -28.91 0.59
C HIS B 156 -10.33 -29.65 -0.62
N SER B 157 -9.82 -29.34 -1.81
CA SER B 157 -10.29 -30.01 -3.02
C SER B 157 -9.96 -31.50 -2.96
N ASP B 158 -8.77 -31.82 -2.46
CA ASP B 158 -8.38 -33.22 -2.31
C ASP B 158 -9.30 -33.86 -1.29
N ALA B 159 -9.54 -33.13 -0.19
CA ALA B 159 -10.41 -33.61 0.88
C ALA B 159 -11.78 -34.01 0.33
N ILE B 160 -12.34 -33.17 -0.55
CA ILE B 160 -13.64 -33.44 -1.17
C ILE B 160 -13.62 -34.76 -1.94
N ARG B 161 -12.51 -35.03 -2.61
CA ARG B 161 -12.37 -36.23 -3.42
C ARG B 161 -12.31 -37.55 -2.64
N ARG B 162 -12.22 -37.48 -1.32
CA ARG B 162 -12.17 -38.71 -0.51
C ARG B 162 -13.58 -39.07 -0.03
N VAL B 163 -14.50 -38.12 -0.15
CA VAL B 163 -15.88 -38.34 0.28
C VAL B 163 -16.58 -39.35 -0.64
N GLN B 164 -17.26 -40.30 -0.01
CA GLN B 164 -18.00 -41.35 -0.73
C GLN B 164 -19.01 -40.75 -1.68
N GLY B 165 -19.00 -41.20 -2.92
CA GLY B 165 -19.94 -40.69 -3.91
C GLY B 165 -19.43 -39.52 -4.72
N VAL B 166 -18.27 -38.99 -4.37
CA VAL B 166 -17.67 -37.85 -5.09
C VAL B 166 -16.73 -38.31 -6.19
N LYS B 167 -17.07 -37.99 -7.44
CA LYS B 167 -16.23 -38.33 -8.59
C LYS B 167 -15.12 -37.31 -8.73
N ASN B 168 -15.50 -36.04 -8.62
CA ASN B 168 -14.55 -34.96 -8.75
C ASN B 168 -15.20 -33.71 -8.18
N GLY B 169 -14.41 -32.67 -7.95
CA GLY B 169 -14.94 -31.44 -7.41
C GLY B 169 -13.87 -30.42 -7.07
N ILE B 170 -14.31 -29.30 -6.52
CA ILE B 170 -13.39 -28.25 -6.16
C ILE B 170 -13.97 -27.45 -5.01
N GLN B 171 -13.09 -26.78 -4.27
CA GLN B 171 -13.50 -25.96 -3.15
C GLN B 171 -12.99 -24.53 -3.31
N TYR B 172 -13.76 -23.60 -2.78
CA TYR B 172 -13.41 -22.19 -2.79
C TYR B 172 -13.61 -21.68 -1.38
N ILE B 173 -12.79 -20.70 -1.00
CA ILE B 173 -12.93 -20.05 0.29
C ILE B 173 -13.31 -18.65 -0.19
N ILE B 174 -14.30 -18.03 0.47
CA ILE B 174 -14.76 -16.71 0.05
C ILE B 174 -15.08 -15.83 1.24
N PRO B 175 -14.57 -14.59 1.24
CA PRO B 175 -14.84 -13.66 2.33
C PRO B 175 -16.34 -13.41 2.38
N ILE B 176 -16.90 -13.30 3.58
CA ILE B 176 -18.33 -13.05 3.75
C ILE B 176 -18.57 -11.55 3.70
N LYS B 177 -19.46 -11.13 2.80
CA LYS B 177 -19.78 -9.72 2.63
C LYS B 177 -20.04 -8.99 3.94
N GLY B 178 -20.88 -9.57 4.78
CA GLY B 178 -21.20 -8.96 6.06
C GLY B 178 -19.97 -8.59 6.86
N ALA B 179 -19.00 -9.50 6.92
CA ALA B 179 -17.78 -9.24 7.65
C ALA B 179 -17.00 -8.10 7.01
N LEU B 180 -16.92 -8.10 5.68
CA LEU B 180 -16.19 -7.04 5.00
C LEU B 180 -16.85 -5.70 5.27
N ASP B 181 -18.18 -5.67 5.18
CA ASP B 181 -18.92 -4.42 5.40
C ASP B 181 -18.70 -3.89 6.82
N LYS B 182 -18.74 -4.77 7.82
CA LYS B 182 -18.54 -4.33 9.19
C LYS B 182 -17.12 -3.83 9.42
N ALA B 183 -16.14 -4.53 8.86
CA ALA B 183 -14.75 -4.10 9.01
C ALA B 183 -14.58 -2.72 8.36
N ARG B 184 -15.15 -2.55 7.16
CA ARG B 184 -15.05 -1.29 6.42
C ARG B 184 -15.72 -0.13 7.12
N SER B 185 -16.65 -0.45 8.02
CA SER B 185 -17.30 0.59 8.80
C SER B 185 -16.28 0.75 9.91
N GLY B 186 -16.27 1.85 10.62
CA GLY B 186 -15.28 2.00 11.67
C GLY B 186 -15.49 1.16 12.92
N GLU B 187 -16.64 0.52 13.05
CA GLU B 187 -16.94 -0.27 14.23
C GLU B 187 -15.97 -1.44 14.45
N GLN B 188 -15.14 -1.32 15.46
CA GLN B 188 -14.15 -2.34 15.80
C GLN B 188 -14.80 -3.60 16.37
N CYS B 189 -14.18 -4.74 16.09
CA CYS B 189 -14.68 -6.02 16.56
C CYS B 189 -13.77 -7.14 16.10
N ASP B 190 -13.78 -8.25 16.83
CA ASP B 190 -12.98 -9.41 16.48
C ASP B 190 -13.94 -10.40 15.85
N PHE B 191 -13.57 -10.95 14.71
CA PHE B 191 -14.44 -11.90 14.02
C PHE B 191 -14.13 -13.34 14.34
N THR B 192 -15.18 -14.16 14.39
CA THR B 192 -15.00 -15.59 14.64
C THR B 192 -14.59 -16.18 13.31
N THR B 193 -14.04 -17.39 13.34
CA THR B 193 -13.62 -18.06 12.12
C THR B 193 -14.79 -18.13 11.15
N ARG B 194 -15.95 -18.47 11.70
CA ARG B 194 -17.19 -18.63 10.94
C ARG B 194 -17.78 -17.36 10.33
N GLU B 195 -17.48 -16.21 10.92
CA GLU B 195 -18.01 -14.95 10.41
C GLU B 195 -17.21 -14.36 9.25
N LYS B 196 -15.91 -14.66 9.21
CA LYS B 196 -15.04 -14.09 8.18
C LYS B 196 -15.08 -14.71 6.79
N HIS B 197 -15.04 -16.04 6.70
CA HIS B 197 -15.06 -16.71 5.41
C HIS B 197 -16.09 -17.84 5.33
N GLU B 198 -16.57 -18.10 4.13
CA GLU B 198 -17.50 -19.19 3.89
C GLU B 198 -16.83 -20.07 2.85
N MET B 199 -17.28 -21.32 2.74
CA MET B 199 -16.71 -22.20 1.74
C MET B 199 -17.78 -22.68 0.78
N VAL B 200 -17.42 -22.75 -0.51
CA VAL B 200 -18.34 -23.21 -1.53
C VAL B 200 -17.66 -24.31 -2.33
N CYS B 201 -18.37 -25.43 -2.48
CA CYS B 201 -17.84 -26.56 -3.24
C CYS B 201 -18.72 -26.83 -4.45
N TYR B 202 -18.09 -27.33 -5.50
CA TYR B 202 -18.79 -27.70 -6.72
C TYR B 202 -18.33 -29.14 -6.91
N VAL B 203 -19.28 -30.06 -6.80
CA VAL B 203 -18.98 -31.47 -6.88
C VAL B 203 -19.68 -32.22 -8.00
N VAL B 204 -18.95 -33.15 -8.59
CA VAL B 204 -19.47 -34.01 -9.64
C VAL B 204 -19.62 -35.34 -8.90
N PRO B 205 -20.86 -35.79 -8.69
CA PRO B 205 -21.14 -37.05 -7.97
C PRO B 205 -21.09 -38.29 -8.86
N GLU B 206 -20.81 -39.45 -8.26
CA GLU B 206 -20.78 -40.73 -8.97
C GLU B 206 -22.23 -41.04 -9.32
N GLU B 207 -22.45 -42.03 -10.17
CA GLU B 207 -23.83 -42.39 -10.53
C GLU B 207 -24.47 -42.85 -9.24
N ASN B 208 -25.62 -42.27 -8.90
CA ASN B 208 -26.35 -42.58 -7.67
C ASN B 208 -25.73 -41.76 -6.52
N ALA B 209 -24.76 -42.33 -5.82
CA ALA B 209 -24.04 -41.66 -4.74
C ALA B 209 -24.73 -41.20 -3.45
N ASP B 210 -25.92 -40.59 -3.56
CA ASP B 210 -26.66 -40.06 -2.40
C ASP B 210 -26.18 -38.62 -2.19
N LEU B 211 -26.79 -37.69 -2.91
CA LEU B 211 -26.43 -36.28 -2.86
C LEU B 211 -26.50 -35.63 -1.47
N LYS B 212 -27.61 -35.83 -0.77
CA LYS B 212 -27.76 -35.23 0.55
C LYS B 212 -26.66 -35.71 1.51
N LYS B 213 -26.25 -36.96 1.34
CA LYS B 213 -25.21 -37.55 2.18
C LYS B 213 -23.83 -36.96 1.88
N ILE B 214 -23.56 -36.66 0.61
CA ILE B 214 -22.28 -36.08 0.24
C ILE B 214 -22.21 -34.69 0.86
N GLU B 215 -23.31 -33.94 0.72
CA GLU B 215 -23.39 -32.59 1.26
C GLU B 215 -23.01 -32.55 2.74
N GLN B 216 -23.57 -33.49 3.51
CA GLN B 216 -23.30 -33.53 4.94
C GLN B 216 -21.91 -34.04 5.29
N ASP B 217 -21.39 -34.99 4.51
CA ASP B 217 -20.05 -35.51 4.77
C ASP B 217 -19.02 -34.39 4.57
N ILE B 218 -19.29 -33.52 3.60
CA ILE B 218 -18.41 -32.40 3.32
C ILE B 218 -18.56 -31.36 4.41
N LYS B 219 -19.80 -30.92 4.63
CA LYS B 219 -20.11 -29.91 5.63
C LYS B 219 -19.58 -30.21 7.04
N THR B 220 -19.72 -31.46 7.48
CA THR B 220 -19.27 -31.83 8.83
C THR B 220 -17.85 -32.37 8.91
N MET B 221 -17.10 -32.24 7.82
CA MET B 221 -15.74 -32.73 7.79
C MET B 221 -14.83 -31.92 8.71
N PRO B 222 -14.20 -32.58 9.70
CA PRO B 222 -13.29 -31.95 10.68
C PRO B 222 -12.03 -31.37 10.07
N ASP B 223 -11.58 -30.26 10.64
CA ASP B 223 -10.36 -29.58 10.22
C ASP B 223 -10.45 -28.90 8.85
N TYR B 224 -11.44 -29.28 8.04
CA TYR B 224 -11.56 -28.67 6.72
C TYR B 224 -12.78 -27.77 6.53
N PHE B 225 -13.97 -28.29 6.83
CA PHE B 225 -15.21 -27.53 6.64
C PHE B 225 -16.08 -27.31 7.89
N ALA B 226 -15.91 -28.18 8.88
CA ALA B 226 -16.72 -28.10 10.11
C ALA B 226 -16.90 -26.71 10.74
N ASP B 227 -15.86 -25.88 10.71
CA ASP B 227 -15.96 -24.58 11.34
C ASP B 227 -16.47 -23.46 10.43
N TYR B 228 -16.80 -23.78 9.17
CA TYR B 228 -17.25 -22.76 8.24
C TYR B 228 -18.60 -23.08 7.62
N ASN B 229 -19.38 -22.04 7.34
CA ASN B 229 -20.66 -22.24 6.66
C ASN B 229 -20.21 -22.73 5.29
N THR B 230 -20.69 -23.90 4.88
CA THR B 230 -20.30 -24.48 3.61
C THR B 230 -21.50 -24.80 2.72
N THR B 231 -21.39 -24.43 1.45
CA THR B 231 -22.42 -24.66 0.45
C THR B 231 -21.90 -25.68 -0.56
N VAL B 232 -22.75 -26.64 -0.93
CA VAL B 232 -22.35 -27.65 -1.90
C VAL B 232 -23.25 -27.61 -3.13
N HIS B 233 -22.64 -27.42 -4.29
CA HIS B 233 -23.37 -27.38 -5.54
C HIS B 233 -22.96 -28.61 -6.35
N PHE B 234 -23.93 -29.23 -7.00
CA PHE B 234 -23.65 -30.41 -7.81
C PHE B 234 -23.70 -30.03 -9.28
N ILE B 235 -22.64 -30.35 -10.00
CA ILE B 235 -22.54 -30.03 -11.41
C ILE B 235 -21.97 -31.21 -12.20
N THR B 236 -21.90 -31.06 -13.52
CA THR B 236 -21.36 -32.09 -14.38
C THR B 236 -19.85 -31.92 -14.56
N GLU B 237 -19.21 -32.95 -15.09
CA GLU B 237 -17.78 -32.91 -15.32
C GLU B 237 -17.48 -31.77 -16.30
N GLU B 238 -18.35 -31.60 -17.29
CA GLU B 238 -18.19 -30.56 -18.30
C GLU B 238 -18.15 -29.17 -17.68
N GLU B 239 -19.07 -28.92 -16.74
CA GLU B 239 -19.13 -27.63 -16.08
C GLU B 239 -17.89 -27.42 -15.23
N LEU B 240 -17.43 -28.49 -14.57
CA LEU B 240 -16.24 -28.38 -13.74
C LEU B 240 -15.05 -27.91 -14.58
N LYS B 241 -14.82 -28.57 -15.71
CA LYS B 241 -13.71 -28.21 -16.60
C LYS B 241 -13.84 -26.80 -17.16
N LEU B 242 -15.05 -26.43 -17.57
CA LEU B 242 -15.31 -25.12 -18.15
C LEU B 242 -15.29 -23.93 -17.20
N ASN B 243 -15.92 -24.08 -16.05
CA ASN B 243 -16.03 -22.96 -15.12
C ASN B 243 -15.21 -23.00 -13.83
N HIS B 244 -14.29 -23.95 -13.70
CA HIS B 244 -13.52 -24.03 -12.46
C HIS B 244 -12.05 -24.29 -12.61
N ALA B 245 -11.40 -23.55 -13.51
CA ALA B 245 -9.97 -23.70 -13.74
C ALA B 245 -9.25 -23.42 -12.43
N GLY B 246 -9.92 -22.67 -11.56
CA GLY B 246 -9.36 -22.33 -10.26
C GLY B 246 -8.06 -21.55 -10.29
N LEU B 247 -7.90 -20.69 -11.29
CA LEU B 247 -6.68 -19.89 -11.43
C LEU B 247 -6.78 -18.49 -10.85
N SER B 248 -7.98 -18.11 -10.41
CA SER B 248 -8.18 -16.79 -9.85
C SER B 248 -8.10 -16.74 -8.33
N ASN B 249 -7.84 -15.55 -7.79
CA ASN B 249 -7.75 -15.36 -6.35
C ASN B 249 -7.82 -13.87 -6.01
N GLY B 250 -7.81 -13.56 -4.72
CA GLY B 250 -7.87 -12.19 -4.29
C GLY B 250 -7.80 -12.13 -2.77
N GLY B 251 -8.02 -10.95 -2.21
CA GLY B 251 -7.96 -10.82 -0.78
C GLY B 251 -8.11 -9.39 -0.34
N PHE B 252 -8.26 -9.20 0.97
CA PHE B 252 -8.43 -7.87 1.54
C PHE B 252 -7.65 -7.73 2.85
N VAL B 253 -7.04 -6.57 3.03
CA VAL B 253 -6.33 -6.24 4.26
C VAL B 253 -6.95 -4.93 4.69
N ILE B 254 -7.65 -4.96 5.82
CA ILE B 254 -8.33 -3.79 6.32
C ILE B 254 -7.88 -3.44 7.74
N ARG B 255 -7.53 -2.17 7.94
CA ARG B 255 -7.13 -1.70 9.25
C ARG B 255 -8.24 -0.76 9.67
N SER B 256 -8.88 -1.10 10.77
CA SER B 256 -9.96 -0.29 11.29
C SER B 256 -9.44 0.29 12.58
N GLY B 257 -9.25 1.59 12.59
CA GLY B 257 -8.72 2.21 13.79
C GLY B 257 -9.54 3.41 14.21
N ASN B 258 -9.11 4.01 15.31
CA ASN B 258 -9.80 5.18 15.81
C ASN B 258 -8.78 6.22 16.22
N THR B 259 -9.19 7.48 16.17
CA THR B 259 -8.32 8.56 16.56
C THR B 259 -8.48 8.66 18.07
N GLN B 260 -7.69 9.53 18.69
CA GLN B 260 -7.75 9.71 20.13
C GLN B 260 -9.16 10.03 20.61
N GLY B 261 -9.94 10.68 19.76
CA GLY B 261 -11.30 11.04 20.13
C GLY B 261 -12.39 10.13 19.60
N GLY B 262 -12.04 8.90 19.23
CA GLY B 262 -13.04 7.97 18.73
C GLY B 262 -13.41 8.09 17.27
N ALA B 263 -12.78 9.01 16.55
CA ALA B 263 -13.08 9.17 15.13
C ALA B 263 -12.62 7.92 14.38
N LYS B 264 -13.46 7.41 13.51
CA LYS B 264 -13.15 6.20 12.75
C LYS B 264 -12.27 6.44 11.53
N GLN B 265 -11.18 5.67 11.44
CA GLN B 265 -10.26 5.81 10.32
C GLN B 265 -10.07 4.41 9.76
N VAL B 266 -10.34 4.27 8.46
CA VAL B 266 -10.23 2.97 7.81
C VAL B 266 -9.31 2.96 6.59
N MET B 267 -8.42 1.99 6.56
CA MET B 267 -7.49 1.80 5.47
C MET B 267 -7.75 0.42 4.88
N GLU B 268 -7.77 0.35 3.56
CA GLU B 268 -8.00 -0.93 2.91
C GLU B 268 -7.11 -1.13 1.69
N PHE B 269 -6.61 -2.35 1.53
CA PHE B 269 -5.80 -2.73 0.37
C PHE B 269 -6.43 -4.04 -0.07
N ASN B 270 -6.70 -4.19 -1.36
CA ASN B 270 -7.26 -5.45 -1.81
C ASN B 270 -6.80 -5.79 -3.21
N LEU B 271 -6.93 -7.07 -3.57
CA LEU B 271 -6.51 -7.56 -4.86
C LEU B 271 -7.61 -8.40 -5.50
N ASN B 272 -7.69 -8.33 -6.82
CA ASN B 272 -8.66 -9.10 -7.58
C ASN B 272 -7.86 -9.62 -8.76
N LEU B 273 -7.41 -10.87 -8.64
CA LEU B 273 -6.57 -11.47 -9.66
C LEU B 273 -7.22 -12.56 -10.49
N GLU B 274 -7.34 -12.31 -11.79
CA GLU B 274 -7.94 -13.31 -12.67
C GLU B 274 -6.97 -14.47 -12.75
N SER B 275 -5.68 -14.17 -12.62
CA SER B 275 -4.63 -15.18 -12.66
C SER B 275 -3.68 -14.96 -11.47
N SER B 276 -3.95 -15.66 -10.38
CA SER B 276 -3.15 -15.56 -9.18
C SER B 276 -1.67 -15.82 -9.44
N ALA B 277 -1.39 -16.85 -10.23
CA ALA B 277 -0.02 -17.22 -10.54
C ALA B 277 0.78 -16.14 -11.27
N GLU B 278 0.20 -15.55 -12.30
CA GLU B 278 0.88 -14.51 -13.05
C GLU B 278 1.09 -13.22 -12.27
N PHE B 279 0.21 -12.97 -11.30
CA PHE B 279 0.35 -11.77 -10.47
C PHE B 279 1.53 -11.99 -9.54
N THR B 280 1.58 -13.18 -8.95
CA THR B 280 2.67 -13.52 -8.05
C THR B 280 3.98 -13.39 -8.82
N SER B 281 3.97 -13.86 -10.06
CA SER B 281 5.15 -13.79 -10.91
C SER B 281 5.58 -12.34 -11.17
N SER B 282 4.61 -11.45 -11.41
CA SER B 282 4.92 -10.04 -11.67
C SER B 282 5.55 -9.40 -10.45
N VAL B 283 5.08 -9.79 -9.27
CA VAL B 283 5.61 -9.25 -8.03
C VAL B 283 7.04 -9.75 -7.88
N LEU B 284 7.24 -11.04 -8.15
CA LEU B 284 8.56 -11.63 -8.06
C LEU B 284 9.53 -10.87 -8.93
N VAL B 285 9.09 -10.54 -10.15
CA VAL B 285 9.92 -9.81 -11.09
C VAL B 285 10.23 -8.40 -10.60
N ALA B 286 9.21 -7.66 -10.19
CA ALA B 286 9.41 -6.30 -9.68
C ALA B 286 10.45 -6.30 -8.55
N TYR B 287 10.31 -7.23 -7.60
CA TYR B 287 11.26 -7.31 -6.50
C TYR B 287 12.65 -7.74 -6.98
N SER B 288 12.70 -8.39 -8.13
CA SER B 288 13.99 -8.80 -8.68
C SER B 288 14.77 -7.55 -9.03
N ARG B 289 14.07 -6.53 -9.51
CA ARG B 289 14.72 -5.27 -9.86
C ARG B 289 15.30 -4.66 -8.56
N ALA B 290 14.53 -4.71 -7.49
CA ALA B 290 14.97 -4.18 -6.20
C ALA B 290 16.19 -4.91 -5.63
N ILE B 291 16.22 -6.22 -5.77
CA ILE B 291 17.33 -7.01 -5.24
C ILE B 291 18.61 -6.71 -6.02
N TYR B 292 18.46 -6.53 -7.33
CA TYR B 292 19.61 -6.21 -8.17
C TYR B 292 20.21 -4.91 -7.63
N LYS B 293 19.38 -3.89 -7.48
CA LYS B 293 19.83 -2.60 -6.98
C LYS B 293 20.53 -2.75 -5.63
N LEU B 294 19.89 -3.45 -4.70
CA LEU B 294 20.49 -3.64 -3.40
C LEU B 294 21.78 -4.46 -3.42
N SER B 295 21.92 -5.38 -4.38
CA SER B 295 23.14 -6.19 -4.44
C SER B 295 24.30 -5.34 -4.94
N LYS B 296 24.03 -4.47 -5.91
CA LYS B 296 25.05 -3.58 -6.46
C LYS B 296 25.49 -2.59 -5.41
N GLU B 297 24.59 -2.30 -4.46
CA GLU B 297 24.88 -1.37 -3.38
C GLU B 297 25.74 -2.06 -2.32
N GLY B 298 25.83 -3.38 -2.42
CA GLY B 298 26.63 -4.13 -1.47
C GLY B 298 25.84 -4.70 -0.32
N LYS B 299 24.52 -4.72 -0.43
CA LYS B 299 23.69 -5.25 0.63
C LYS B 299 23.91 -6.76 0.74
N LYS B 300 24.06 -7.26 1.95
CA LYS B 300 24.30 -8.68 2.16
C LYS B 300 23.32 -9.30 3.13
N GLY B 301 23.05 -10.58 2.96
CA GLY B 301 22.13 -11.27 3.85
C GLY B 301 20.72 -11.36 3.28
N ALA B 302 19.79 -11.82 4.11
CA ALA B 302 18.42 -11.95 3.67
C ALA B 302 17.61 -10.70 4.04
N VAL B 303 16.61 -10.39 3.22
CA VAL B 303 15.72 -9.25 3.44
C VAL B 303 14.32 -9.71 3.08
N THR B 304 13.32 -8.96 3.55
CA THR B 304 11.93 -9.26 3.25
C THR B 304 11.35 -7.99 2.62
N VAL B 305 10.14 -8.07 2.08
CA VAL B 305 9.53 -6.88 1.48
C VAL B 305 9.49 -5.71 2.46
N LEU B 306 9.44 -6.04 3.76
CA LEU B 306 9.39 -5.04 4.80
C LEU B 306 10.63 -4.15 4.85
N ASP B 307 11.76 -4.64 4.34
CA ASP B 307 13.02 -3.90 4.34
C ASP B 307 13.30 -3.09 3.08
N ILE B 308 12.47 -3.25 2.06
CA ILE B 308 12.71 -2.58 0.78
C ILE B 308 11.79 -1.38 0.45
N PRO B 309 12.38 -0.20 0.20
CA PRO B 309 11.62 1.01 -0.14
C PRO B 309 11.00 0.79 -1.51
N PHE B 310 9.77 1.25 -1.70
CA PHE B 310 9.10 1.05 -2.97
C PHE B 310 9.86 1.63 -4.17
N SER B 311 10.71 2.62 -3.93
CA SER B 311 11.47 3.22 -5.03
C SER B 311 12.33 2.17 -5.75
N TYR B 312 12.77 1.14 -5.03
CA TYR B 312 13.60 0.10 -5.65
C TYR B 312 12.85 -0.79 -6.64
N LEU B 313 11.52 -0.76 -6.58
CA LEU B 313 10.71 -1.58 -7.48
C LEU B 313 10.53 -0.93 -8.85
N SER B 314 10.93 0.33 -8.97
CA SER B 314 10.76 1.05 -10.23
C SER B 314 12.03 1.29 -11.03
N PRO B 315 11.94 1.17 -12.37
CA PRO B 315 13.11 1.41 -13.23
C PRO B 315 13.31 2.91 -13.45
N LYS B 316 12.36 3.70 -12.98
CA LYS B 316 12.45 5.16 -13.13
C LYS B 316 13.41 5.78 -12.13
N THR B 317 13.89 6.98 -12.46
CA THR B 317 14.82 7.67 -11.59
C THR B 317 14.05 8.31 -10.43
N PRO B 318 14.73 8.55 -9.30
CA PRO B 318 14.13 9.16 -8.11
C PRO B 318 13.49 10.49 -8.46
N GLU B 319 14.17 11.30 -9.28
CA GLU B 319 13.65 12.58 -9.69
C GLU B 319 12.35 12.37 -10.46
N GLU B 320 12.36 11.43 -11.40
CA GLU B 320 11.17 11.13 -12.20
C GLU B 320 9.97 10.73 -11.33
N LEU B 321 10.22 9.93 -10.30
CA LEU B 321 9.16 9.50 -9.39
C LEU B 321 8.53 10.65 -8.62
N ARG B 322 9.37 11.51 -8.04
CA ARG B 322 8.89 12.66 -7.27
C ARG B 322 8.11 13.66 -8.11
N LYS B 323 8.37 13.69 -9.41
CA LYS B 323 7.68 14.60 -10.30
C LYS B 323 6.37 14.06 -10.86
N GLU B 324 6.32 12.77 -11.13
CA GLU B 324 5.12 12.16 -11.72
C GLU B 324 4.12 11.56 -10.74
N LEU B 325 4.61 10.87 -9.73
CA LEU B 325 3.74 10.16 -8.78
C LEU B 325 3.58 10.65 -7.36
N LEU B 326 4.55 11.40 -6.84
CA LEU B 326 4.43 11.85 -5.46
C LEU B 326 3.30 12.85 -5.28
#